data_6VN2
#
_entry.id   6VN2
#
_cell.length_a   70.044
_cell.length_b   65.339
_cell.length_c   85.081
_cell.angle_alpha   90.000
_cell.angle_beta   93.860
_cell.angle_gamma   90.000
#
_symmetry.space_group_name_H-M   'P 1 21 1'
#
loop_
_entity.id
_entity.type
_entity.pdbx_description
1 polymer 'Ubiquitin carboxyl-terminal hydrolase 7'
2 non-polymer 1-({7-[(2R)-5-chloro-2-(piperazine-1-carbonyl)-2,3-dihydro-1-benzofuran-7-yl]thieno[3,2-b]pyridin-2-yl}methyl)-1H-pyrrole-2,5-dione
3 non-polymer 'ACETATE ION'
4 water water
#
_entity_poly.entity_id   1
_entity_poly.type   'polypeptide(L)'
_entity_poly.pdbx_seq_one_letter_code
;GSKKHTGYVGLKNQGATCYMNSLLQTLFFTNQLRKAVYMMPTEGDDSSKSVPLALQRVFYELQHSDKPVGTKKLTKSFGW
ETLDSFMQHDVQELCRVLLDNVENKMKGTCVEGTIPKLFRGKMVSYIQCKEVDYRSDRREDYYDIQLSIKGKKNIFESFV
DYVAVEQLDGDNKYDAGEHGLQEAEKGVKFLTLPPVLHLQLMRFMYDPQTDQNIKINDRFEFPEQLPLDEFLQKTDPKDP
ANYILHAVLVHSGDNHGGHYVVYLNPKGDGKWCKFDDDVVSRCTKEEAIEHNYGGHDDDLSVRHCTNAYMLVYIRESKLS
EVLQAVTDHDIPQQLVERLQEEKRIEAQKR
;
_entity_poly.pdbx_strand_id   A,B
#
# COMPACT_ATOMS: atom_id res chain seq x y z
N SER A 2 -31.06 11.90 -5.30
CA SER A 2 -31.34 12.26 -3.86
C SER A 2 -30.48 11.41 -2.91
N LYS A 3 -29.93 12.05 -1.87
CA LYS A 3 -29.04 11.37 -0.90
C LYS A 3 -29.77 10.44 0.08
N LYS A 4 -31.01 10.77 0.45
CA LYS A 4 -31.81 9.96 1.40
C LYS A 4 -32.09 8.53 0.93
N HIS A 5 -32.51 8.38 -0.33
CA HIS A 5 -32.80 7.05 -0.92
C HIS A 5 -31.55 6.19 -1.15
N THR A 6 -30.57 6.76 -1.86
CA THR A 6 -29.39 6.02 -2.36
C THR A 6 -28.13 6.09 -1.47
N GLY A 7 -27.96 7.21 -0.77
CA GLY A 7 -26.70 7.54 -0.06
C GLY A 7 -25.77 8.47 -0.83
N TYR A 8 -25.97 8.61 -2.14
CA TYR A 8 -25.05 9.30 -3.06
C TYR A 8 -25.75 10.50 -3.66
N VAL A 9 -24.98 11.45 -4.17
CA VAL A 9 -25.54 12.67 -4.79
C VAL A 9 -25.06 12.86 -6.20
N GLY A 10 -25.90 13.57 -6.96
CA GLY A 10 -25.68 13.78 -8.36
C GLY A 10 -24.80 14.96 -8.62
N LEU A 11 -24.54 15.18 -9.92
CA LEU A 11 -23.90 16.38 -10.45
C LEU A 11 -24.91 17.22 -11.26
N LYS A 12 -24.66 18.52 -11.37
CA LYS A 12 -25.55 19.45 -12.08
C LYS A 12 -25.70 19.11 -13.58
N ASN A 13 -26.91 19.34 -14.11
CA ASN A 13 -27.21 19.11 -15.52
C ASN A 13 -26.54 20.17 -16.37
N GLN A 14 -25.30 19.91 -16.75
CA GLN A 14 -24.57 20.71 -17.71
C GLN A 14 -24.46 19.85 -18.99
N GLY A 15 -25.17 20.27 -20.04
CA GLY A 15 -25.27 19.52 -21.30
C GLY A 15 -24.00 19.57 -22.13
N ALA A 16 -23.38 20.77 -22.19
CA ALA A 16 -22.01 20.97 -22.73
C ALA A 16 -20.98 19.90 -22.32
N THR A 17 -21.04 19.49 -21.06
CA THR A 17 -20.11 18.48 -20.47
C THR A 17 -20.13 17.10 -21.11
N CYS A 18 -21.29 16.68 -21.66
CA CYS A 18 -21.46 15.36 -22.29
C CYS A 18 -21.19 14.21 -21.32
N TYR A 19 -19.96 13.71 -21.29
CA TYR A 19 -19.60 12.45 -20.58
C TYR A 19 -18.84 12.70 -19.28
N MET A 20 -18.64 13.96 -18.89
CA MET A 20 -17.84 14.30 -17.72
C MET A 20 -18.44 13.80 -16.41
N ASN A 21 -19.72 14.14 -16.19
CA ASN A 21 -20.47 13.69 -14.99
C ASN A 21 -20.44 12.17 -14.78
N SER A 22 -20.57 11.42 -15.87
CA SER A 22 -20.38 9.96 -15.86
C SER A 22 -18.99 9.57 -15.33
N LEU A 23 -17.97 10.24 -15.86
CA LEU A 23 -16.57 9.98 -15.49
C LEU A 23 -16.22 10.40 -14.06
N LEU A 24 -16.71 11.56 -13.64
CA LEU A 24 -16.46 12.07 -12.31
C LEU A 24 -16.96 11.12 -11.21
N GLN A 25 -18.18 10.60 -11.40
CA GLN A 25 -18.77 9.62 -10.46
C GLN A 25 -17.98 8.31 -10.42
N THR A 26 -17.67 7.83 -11.62
CA THR A 26 -16.79 6.66 -11.82
C THR A 26 -15.44 6.78 -11.08
N LEU A 27 -14.84 7.97 -11.13
CA LEU A 27 -13.56 8.27 -10.47
C LEU A 27 -13.72 8.54 -8.97
N PHE A 28 -14.81 9.18 -8.58
CA PHE A 28 -15.10 9.43 -7.17
C PHE A 28 -15.30 8.15 -6.36
N PHE A 29 -16.08 7.22 -6.92
CA PHE A 29 -16.28 5.88 -6.31
C PHE A 29 -15.15 4.87 -6.61
N THR A 30 -14.01 5.36 -7.10
CA THR A 30 -12.71 4.68 -7.00
C THR A 30 -12.02 5.22 -5.73
N ASN A 31 -12.41 4.69 -4.56
CA ASN A 31 -12.13 5.32 -3.23
C ASN A 31 -10.66 5.62 -2.93
N GLN A 32 -9.79 4.66 -3.23
CA GLN A 32 -8.34 4.82 -3.10
C GLN A 32 -7.78 6.06 -3.81
N LEU A 33 -8.30 6.36 -5.01
CA LEU A 33 -8.00 7.63 -5.71
C LEU A 33 -8.48 8.84 -4.94
N ARG A 34 -9.75 8.78 -4.52
CA ARG A 34 -10.39 9.87 -3.78
C ARG A 34 -9.58 10.30 -2.53
N LYS A 35 -9.16 9.30 -1.74
CA LYS A 35 -8.29 9.54 -0.54
C LYS A 35 -6.95 10.19 -0.88
N ALA A 36 -6.31 9.65 -1.92
CA ALA A 36 -5.06 10.21 -2.46
C ALA A 36 -5.21 11.61 -3.02
N VAL A 37 -6.34 11.89 -3.70
CA VAL A 37 -6.64 13.21 -4.24
C VAL A 37 -6.73 14.24 -3.12
N TYR A 38 -7.47 13.92 -2.06
CA TYR A 38 -7.51 14.78 -0.85
C TYR A 38 -6.15 15.10 -0.21
N MET A 39 -5.21 14.16 -0.28
CA MET A 39 -3.82 14.39 0.19
C MET A 39 -2.92 15.30 -0.64
N MET A 40 -3.29 15.62 -1.89
CA MET A 40 -2.47 16.48 -2.74
C MET A 40 -2.23 17.85 -2.08
N PRO A 41 -0.96 18.32 -2.05
CA PRO A 41 -0.63 19.57 -1.34
C PRO A 41 -0.97 20.83 -2.15
N THR A 42 -2.27 21.11 -2.24
CA THR A 42 -2.82 22.21 -3.05
C THR A 42 -3.09 23.53 -2.29
N GLU A 43 -2.62 23.61 -1.03
CA GLU A 43 -2.50 24.89 -0.30
C GLU A 43 -1.72 26.00 -1.05
N GLY A 44 -0.75 25.60 -1.88
CA GLY A 44 -0.03 26.52 -2.77
C GLY A 44 -0.79 27.08 -3.97
N ASP A 45 -1.69 26.28 -4.55
CA ASP A 45 -2.22 26.52 -5.90
C ASP A 45 -3.34 27.57 -5.96
N ASP A 46 -3.44 28.22 -7.13
CA ASP A 46 -4.41 29.29 -7.40
C ASP A 46 -5.78 28.70 -7.72
N SER A 47 -6.83 29.28 -7.12
CA SER A 47 -8.17 28.69 -7.07
C SER A 47 -8.79 28.41 -8.43
N SER A 48 -8.82 29.45 -9.27
CA SER A 48 -9.43 29.42 -10.61
C SER A 48 -8.81 28.39 -11.58
N LYS A 49 -7.48 28.25 -11.54
CA LYS A 49 -6.70 27.47 -12.52
C LYS A 49 -6.10 26.13 -12.04
N SER A 50 -6.22 25.80 -10.74
CA SER A 50 -5.67 24.54 -10.20
C SER A 50 -6.62 23.39 -10.54
N VAL A 51 -6.19 22.51 -11.44
CA VAL A 51 -6.96 21.32 -11.81
C VAL A 51 -7.05 20.34 -10.63
N PRO A 52 -5.91 20.04 -9.95
CA PRO A 52 -5.93 19.32 -8.67
C PRO A 52 -6.93 19.83 -7.65
N LEU A 53 -6.96 21.14 -7.44
CA LEU A 53 -7.89 21.74 -6.48
C LEU A 53 -9.36 21.60 -6.88
N ALA A 54 -9.65 21.79 -8.17
CA ALA A 54 -11.01 21.66 -8.67
C ALA A 54 -11.55 20.24 -8.54
N LEU A 55 -10.70 19.25 -8.84
CA LEU A 55 -11.06 17.84 -8.59
C LEU A 55 -11.14 17.48 -7.10
N GLN A 56 -10.37 18.16 -6.25
CA GLN A 56 -10.61 18.09 -4.80
C GLN A 56 -11.96 18.68 -4.38
N ARG A 57 -12.32 19.84 -4.96
CA ARG A 57 -13.59 20.52 -4.67
C ARG A 57 -14.81 19.67 -4.99
N VAL A 58 -14.82 19.09 -6.20
CA VAL A 58 -15.94 18.25 -6.65
C VAL A 58 -16.09 17.03 -5.75
N PHE A 59 -14.97 16.31 -5.58
CA PHE A 59 -14.87 15.13 -4.69
C PHE A 59 -15.36 15.45 -3.30
N TYR A 60 -14.78 16.50 -2.70
CA TYR A 60 -15.21 16.98 -1.37
C TYR A 60 -16.71 17.14 -1.27
N GLU A 61 -17.27 17.85 -2.26
CA GLU A 61 -18.68 18.16 -2.30
C GLU A 61 -19.54 16.93 -2.57
N LEU A 62 -19.15 16.08 -3.52
CA LEU A 62 -19.85 14.80 -3.75
C LEU A 62 -19.95 13.95 -2.50
N GLN A 63 -18.89 13.95 -1.70
CA GLN A 63 -18.85 13.25 -0.39
C GLN A 63 -19.75 13.87 0.67
N HIS A 64 -19.72 15.20 0.78
CA HIS A 64 -20.40 15.97 1.84
C HIS A 64 -21.81 16.55 1.54
N SER A 65 -22.09 16.90 0.27
CA SER A 65 -23.29 17.65 -0.09
C SER A 65 -24.56 16.82 -0.02
N ASP A 66 -25.67 17.50 0.23
CA ASP A 66 -27.02 16.95 0.09
C ASP A 66 -27.59 17.28 -1.28
N LYS A 67 -27.52 18.56 -1.65
CA LYS A 67 -27.98 19.06 -2.95
C LYS A 67 -26.93 18.77 -4.05
N PRO A 68 -27.35 18.69 -5.34
CA PRO A 68 -26.47 18.38 -6.49
C PRO A 68 -25.21 19.24 -6.60
N VAL A 69 -24.13 18.64 -7.10
CA VAL A 69 -22.78 19.23 -7.07
C VAL A 69 -22.42 19.88 -8.42
N GLY A 70 -21.99 21.14 -8.36
CA GLY A 70 -21.56 21.88 -9.54
C GLY A 70 -20.19 21.48 -10.02
N THR A 71 -19.95 21.73 -11.31
CA THR A 71 -18.67 21.47 -11.98
C THR A 71 -18.13 22.68 -12.78
N LYS A 72 -18.65 23.89 -12.52
CA LYS A 72 -18.29 25.09 -13.30
C LYS A 72 -16.80 25.46 -13.15
N LYS A 73 -16.29 25.40 -11.92
CA LYS A 73 -14.87 25.67 -11.62
C LYS A 73 -13.88 24.62 -12.20
N LEU A 74 -14.29 23.35 -12.22
CA LEU A 74 -13.49 22.26 -12.81
C LEU A 74 -13.41 22.31 -14.33
N THR A 75 -14.53 22.59 -14.99
CA THR A 75 -14.56 22.83 -16.44
C THR A 75 -13.70 24.02 -16.88
N LYS A 76 -13.71 25.09 -16.08
CA LYS A 76 -12.84 26.27 -16.31
C LYS A 76 -11.34 25.98 -16.13
N SER A 77 -10.97 25.04 -15.24
CA SER A 77 -9.55 24.77 -14.95
C SER A 77 -8.82 24.15 -16.15
N PHE A 78 -9.27 22.97 -16.59
CA PHE A 78 -8.64 22.28 -17.76
C PHE A 78 -9.00 22.86 -19.14
N GLY A 79 -9.95 23.80 -19.19
CA GLY A 79 -10.17 24.66 -20.36
C GLY A 79 -11.11 24.15 -21.45
N TRP A 80 -12.01 23.24 -21.08
CA TRP A 80 -13.02 22.68 -21.98
C TRP A 80 -14.36 23.28 -21.55
N GLU A 81 -14.50 24.57 -21.80
CA GLU A 81 -15.71 25.32 -21.46
C GLU A 81 -16.89 24.98 -22.40
N THR A 82 -16.59 24.80 -23.70
CA THR A 82 -17.61 24.61 -24.75
C THR A 82 -17.97 23.14 -25.03
N LEU A 83 -19.05 22.95 -25.80
CA LEU A 83 -19.50 21.62 -26.26
C LEU A 83 -18.54 20.95 -27.24
N ASP A 84 -17.91 21.75 -28.11
CA ASP A 84 -16.97 21.24 -29.12
C ASP A 84 -15.69 20.64 -28.51
N SER A 85 -15.23 21.23 -27.39
CA SER A 85 -14.11 20.67 -26.60
C SER A 85 -14.39 19.26 -26.08
N PHE A 86 -15.62 19.01 -25.67
CA PHE A 86 -16.06 17.66 -25.27
C PHE A 86 -16.34 16.72 -26.44
N MET A 87 -16.92 17.23 -27.52
CA MET A 87 -17.20 16.43 -28.70
C MET A 87 -15.92 15.94 -29.36
N GLN A 88 -14.96 16.86 -29.57
CA GLN A 88 -13.65 16.55 -30.19
C GLN A 88 -12.87 15.39 -29.52
N HIS A 89 -12.99 15.27 -28.20
CA HIS A 89 -12.32 14.21 -27.42
C HIS A 89 -13.25 13.04 -27.08
N ASP A 90 -12.65 11.96 -26.60
CA ASP A 90 -13.37 10.80 -26.05
C ASP A 90 -13.15 10.74 -24.54
N VAL A 91 -13.86 9.83 -23.88
CA VAL A 91 -13.86 9.71 -22.40
C VAL A 91 -12.49 9.40 -21.81
N GLN A 92 -11.75 8.50 -22.45
CA GLN A 92 -10.40 8.17 -22.03
C GLN A 92 -9.40 9.30 -22.13
N GLU A 93 -9.62 10.23 -23.04
CA GLU A 93 -8.71 11.38 -23.24
C GLU A 93 -8.93 12.36 -22.11
N LEU A 94 -10.20 12.61 -21.77
CA LEU A 94 -10.55 13.39 -20.57
C LEU A 94 -10.02 12.77 -19.28
N CYS A 95 -10.12 11.44 -19.18
CA CYS A 95 -9.56 10.72 -18.03
C CYS A 95 -8.05 10.91 -17.93
N ARG A 96 -7.35 10.95 -19.08
CA ARG A 96 -5.93 11.32 -19.14
C ARG A 96 -5.70 12.78 -18.70
N VAL A 97 -6.47 13.73 -19.21
CA VAL A 97 -6.33 15.16 -18.83
C VAL A 97 -6.43 15.37 -17.30
N LEU A 98 -7.37 14.69 -16.66
CA LEU A 98 -7.55 14.78 -15.21
C LEU A 98 -6.42 14.08 -14.45
N LEU A 99 -6.23 12.80 -14.74
CA LEU A 99 -5.24 11.98 -14.03
C LEU A 99 -3.79 12.40 -14.27
N ASP A 100 -3.46 12.82 -15.49
CA ASP A 100 -2.12 13.35 -15.78
C ASP A 100 -1.81 14.61 -14.95
N ASN A 101 -2.82 15.45 -14.67
CA ASN A 101 -2.65 16.58 -13.73
C ASN A 101 -2.44 16.14 -12.28
N VAL A 102 -3.22 15.14 -11.89
CA VAL A 102 -3.27 14.64 -10.52
C VAL A 102 -1.97 13.88 -10.18
N GLU A 103 -1.60 12.91 -11.02
CA GLU A 103 -0.30 12.22 -10.95
C GLU A 103 0.86 13.22 -10.86
N ASN A 104 0.88 14.24 -11.69
CA ASN A 104 1.97 15.25 -11.66
C ASN A 104 2.01 16.06 -10.36
N LYS A 105 0.85 16.35 -9.76
CA LYS A 105 0.79 17.00 -8.43
C LYS A 105 1.25 16.07 -7.31
N MET A 106 0.92 14.79 -7.42
CA MET A 106 1.33 13.79 -6.45
C MET A 106 2.82 13.47 -6.39
N LYS A 107 3.60 13.81 -7.42
CA LYS A 107 5.05 13.50 -7.42
C LYS A 107 5.77 14.23 -6.29
N GLY A 108 6.77 13.56 -5.72
CA GLY A 108 7.42 14.00 -4.48
C GLY A 108 6.58 14.07 -3.22
N THR A 109 5.44 13.38 -3.18
CA THR A 109 4.53 13.37 -2.00
C THR A 109 4.37 11.95 -1.46
N CYS A 110 3.73 11.88 -0.28
CA CYS A 110 3.31 10.61 0.33
C CYS A 110 2.36 9.78 -0.52
N VAL A 111 1.65 10.42 -1.44
CA VAL A 111 0.69 9.73 -2.32
C VAL A 111 1.15 9.61 -3.81
N GLU A 112 2.44 9.79 -4.09
CA GLU A 112 3.04 9.45 -5.41
C GLU A 112 2.84 7.95 -5.77
N GLY A 113 2.86 7.65 -7.06
CA GLY A 113 2.59 6.33 -7.61
C GLY A 113 1.17 5.86 -7.68
N THR A 114 0.20 6.62 -7.14
CA THR A 114 -1.17 6.14 -6.93
C THR A 114 -1.91 5.88 -8.24
N ILE A 115 -1.70 6.76 -9.22
CA ILE A 115 -2.37 6.63 -10.52
C ILE A 115 -1.86 5.38 -11.28
N PRO A 116 -0.53 5.17 -11.33
CA PRO A 116 -0.05 3.88 -11.86
C PRO A 116 -0.45 2.64 -11.06
N LYS A 117 -0.55 2.80 -9.73
CA LYS A 117 -0.95 1.71 -8.82
C LYS A 117 -2.30 1.23 -9.24
N LEU A 118 -3.23 2.15 -9.39
CA LEU A 118 -4.62 1.80 -9.75
C LEU A 118 -4.83 1.45 -11.22
N PHE A 119 -4.25 2.22 -12.14
CA PHE A 119 -4.70 2.22 -13.56
C PHE A 119 -3.75 1.66 -14.62
N ARG A 120 -2.46 1.48 -14.31
CA ARG A 120 -1.45 1.18 -15.33
C ARG A 120 -1.07 -0.31 -15.41
N GLY A 121 -1.53 -0.98 -16.46
CA GLY A 121 -1.02 -2.29 -16.85
C GLY A 121 0.10 -2.18 -17.86
N LYS A 122 0.71 -3.32 -18.21
CA LYS A 122 1.82 -3.40 -19.17
C LYS A 122 1.55 -4.48 -20.22
N MET A 123 2.01 -4.26 -21.45
CA MET A 123 1.84 -5.21 -22.57
C MET A 123 3.02 -5.24 -23.51
N VAL A 124 3.21 -6.39 -24.17
CA VAL A 124 4.20 -6.58 -25.23
C VAL A 124 3.47 -6.54 -26.55
N SER A 125 3.94 -5.71 -27.47
CA SER A 125 3.61 -5.82 -28.90
C SER A 125 4.81 -6.47 -29.58
N TYR A 126 4.58 -7.58 -30.30
CA TYR A 126 5.64 -8.34 -30.97
C TYR A 126 5.39 -8.44 -32.48
N ILE A 127 6.47 -8.35 -33.27
CA ILE A 127 6.49 -8.80 -34.68
C ILE A 127 7.52 -9.95 -34.71
N GLN A 128 7.11 -11.11 -35.24
CA GLN A 128 7.96 -12.32 -35.38
C GLN A 128 7.91 -12.88 -36.81
N CYS A 129 9.09 -12.99 -37.45
CA CYS A 129 9.21 -13.58 -38.80
C CYS A 129 9.11 -15.10 -38.73
N LYS A 130 8.38 -15.69 -39.68
CA LYS A 130 8.20 -17.15 -39.74
C LYS A 130 9.47 -17.89 -40.15
N GLU A 131 9.98 -17.58 -41.34
CA GLU A 131 11.14 -18.29 -41.93
C GLU A 131 12.51 -17.86 -41.35
N VAL A 132 12.73 -16.55 -41.20
CA VAL A 132 14.01 -15.95 -40.76
C VAL A 132 13.98 -15.69 -39.24
N ASP A 133 15.15 -15.68 -38.59
CA ASP A 133 15.30 -15.36 -37.15
C ASP A 133 15.43 -13.83 -36.93
N TYR A 134 14.27 -13.17 -36.86
CA TYR A 134 14.18 -11.78 -36.35
C TYR A 134 12.88 -11.60 -35.57
N ARG A 135 12.98 -10.95 -34.41
CA ARG A 135 11.85 -10.63 -33.55
C ARG A 135 12.00 -9.24 -32.96
N SER A 136 11.00 -8.39 -33.17
CA SER A 136 10.94 -7.04 -32.59
C SER A 136 9.89 -7.06 -31.47
N ASP A 137 10.31 -6.78 -30.23
CA ASP A 137 9.41 -6.58 -29.09
C ASP A 137 9.46 -5.11 -28.67
N ARG A 138 8.30 -4.54 -28.33
CA ARG A 138 8.24 -3.29 -27.53
C ARG A 138 7.38 -3.52 -26.31
N ARG A 139 7.85 -3.06 -25.15
CA ARG A 139 7.01 -2.93 -23.96
C ARG A 139 6.29 -1.57 -24.02
N GLU A 140 5.00 -1.60 -23.76
CA GLU A 140 4.16 -0.40 -23.61
C GLU A 140 3.41 -0.48 -22.29
N ASP A 141 3.37 0.64 -21.57
CA ASP A 141 2.33 0.85 -20.54
C ASP A 141 1.01 1.18 -21.23
N TYR A 142 -0.08 0.98 -20.51
CA TYR A 142 -1.41 1.46 -20.88
C TYR A 142 -2.21 1.81 -19.64
N TYR A 143 -3.02 2.87 -19.74
CA TYR A 143 -3.98 3.25 -18.70
C TYR A 143 -5.43 2.87 -19.02
N ASP A 144 -5.66 2.33 -20.22
CA ASP A 144 -6.99 1.98 -20.71
C ASP A 144 -6.91 1.14 -21.99
N ILE A 145 -7.89 0.26 -22.17
CA ILE A 145 -8.01 -0.62 -23.31
C ILE A 145 -9.25 -0.20 -24.11
N GLN A 146 -9.08 -0.08 -25.43
CA GLN A 146 -10.15 0.17 -26.38
C GLN A 146 -10.41 -1.15 -27.10
N LEU A 147 -11.59 -1.71 -26.88
CA LEU A 147 -11.97 -3.02 -27.43
C LEU A 147 -12.85 -2.92 -28.69
N SER A 148 -12.65 -3.85 -29.63
CA SER A 148 -13.46 -3.94 -30.87
C SER A 148 -14.77 -4.70 -30.57
N ILE A 149 -15.91 -4.11 -30.96
CA ILE A 149 -17.24 -4.72 -30.76
C ILE A 149 -17.95 -5.25 -32.01
N LYS A 150 -17.61 -4.77 -33.21
CA LYS A 150 -18.33 -5.15 -34.45
C LYS A 150 -18.06 -6.61 -34.77
N GLY A 151 -19.14 -7.40 -34.86
CA GLY A 151 -19.05 -8.85 -35.06
C GLY A 151 -18.74 -9.68 -33.82
N LYS A 152 -18.53 -9.02 -32.68
CA LYS A 152 -18.18 -9.66 -31.41
C LYS A 152 -19.44 -9.66 -30.54
N LYS A 153 -19.86 -10.85 -30.12
CA LYS A 153 -20.96 -11.05 -29.17
C LYS A 153 -20.70 -10.39 -27.81
N ASN A 154 -19.45 -10.46 -27.34
CA ASN A 154 -19.13 -10.15 -25.94
C ASN A 154 -17.66 -9.77 -25.66
N ILE A 155 -17.38 -9.41 -24.40
CA ILE A 155 -16.03 -9.05 -23.94
C ILE A 155 -15.00 -10.15 -24.11
N PHE A 156 -15.37 -11.39 -23.80
CA PHE A 156 -14.47 -12.53 -24.06
C PHE A 156 -14.00 -12.52 -25.52
N GLU A 157 -14.97 -12.43 -26.43
CA GLU A 157 -14.69 -12.35 -27.87
C GLU A 157 -13.88 -11.11 -28.28
N SER A 158 -14.14 -9.97 -27.64
CA SER A 158 -13.32 -8.75 -27.86
C SER A 158 -11.87 -8.88 -27.43
N PHE A 159 -11.64 -9.56 -26.32
CA PHE A 159 -10.29 -9.87 -25.86
C PHE A 159 -9.62 -10.90 -26.73
N VAL A 160 -10.35 -11.93 -27.14
CA VAL A 160 -9.86 -12.90 -28.15
C VAL A 160 -9.28 -12.14 -29.35
N ASP A 161 -10.07 -11.22 -29.89
CA ASP A 161 -9.66 -10.34 -31.00
C ASP A 161 -8.45 -9.47 -30.67
N TYR A 162 -8.47 -8.82 -29.49
CA TYR A 162 -7.38 -7.92 -29.08
C TYR A 162 -6.02 -8.61 -29.10
N VAL A 163 -5.92 -9.77 -28.46
CA VAL A 163 -4.67 -10.56 -28.42
C VAL A 163 -4.34 -11.35 -29.69
N ALA A 164 -5.36 -11.63 -30.52
CA ALA A 164 -5.20 -12.55 -31.67
C ALA A 164 -4.19 -12.10 -32.71
N VAL A 165 -3.59 -13.11 -33.35
CA VAL A 165 -2.35 -12.98 -34.12
C VAL A 165 -2.71 -12.67 -35.56
N GLU A 166 -2.13 -11.59 -36.08
CA GLU A 166 -2.33 -11.14 -37.46
C GLU A 166 -1.16 -11.64 -38.30
N GLN A 167 -1.48 -12.11 -39.52
CA GLN A 167 -0.49 -12.65 -40.45
C GLN A 167 -0.07 -11.54 -41.40
N LEU A 168 1.24 -11.31 -41.51
CA LEU A 168 1.83 -10.41 -42.49
C LEU A 168 2.36 -11.28 -43.63
N ASP A 169 1.48 -11.47 -44.63
CA ASP A 169 1.76 -12.21 -45.86
C ASP A 169 1.20 -11.44 -47.07
N GLY A 170 1.50 -11.92 -48.27
CA GLY A 170 0.95 -11.37 -49.52
C GLY A 170 1.55 -10.01 -49.88
N ASP A 171 0.67 -9.04 -50.18
CA ASP A 171 1.07 -7.65 -50.43
C ASP A 171 1.61 -6.96 -49.16
N ASN A 172 0.96 -7.19 -48.01
CA ASN A 172 1.39 -6.62 -46.69
C ASN A 172 2.29 -7.55 -45.85
N LYS A 173 3.44 -7.91 -46.44
CA LYS A 173 4.56 -8.58 -45.75
C LYS A 173 5.33 -7.57 -44.87
N TYR A 174 6.19 -8.09 -43.98
CA TYR A 174 6.96 -7.27 -43.02
C TYR A 174 8.34 -6.85 -43.57
N ASP A 175 8.58 -5.53 -43.62
CA ASP A 175 9.90 -4.95 -43.96
C ASP A 175 10.86 -5.24 -42.80
N ALA A 176 11.67 -6.30 -42.95
CA ALA A 176 12.54 -6.79 -41.86
C ALA A 176 14.03 -6.37 -41.95
N GLY A 177 14.26 -5.13 -42.38
CA GLY A 177 15.59 -4.52 -42.35
C GLY A 177 16.60 -5.17 -43.28
N GLU A 178 17.76 -5.54 -42.72
CA GLU A 178 18.85 -6.20 -43.49
C GLU A 178 18.40 -7.57 -44.07
N HIS A 179 17.47 -8.24 -43.39
CA HIS A 179 16.83 -9.50 -43.84
C HIS A 179 15.75 -9.38 -44.94
N GLY A 180 15.39 -8.17 -45.37
CA GLY A 180 14.45 -7.96 -46.48
C GLY A 180 12.99 -8.18 -46.15
N LEU A 181 12.13 -8.06 -47.16
CA LEU A 181 10.67 -8.23 -46.99
C LEU A 181 10.35 -9.70 -46.62
N GLN A 182 9.41 -9.90 -45.70
CA GLN A 182 9.29 -11.16 -44.96
C GLN A 182 7.87 -11.54 -44.55
N GLU A 183 7.57 -12.84 -44.65
CA GLU A 183 6.39 -13.44 -44.01
C GLU A 183 6.60 -13.39 -42.48
N ALA A 184 5.64 -12.79 -41.76
CA ALA A 184 5.73 -12.59 -40.29
C ALA A 184 4.38 -12.57 -39.59
N GLU A 185 4.42 -12.88 -38.29
CA GLU A 185 3.24 -12.82 -37.40
C GLU A 185 3.34 -11.56 -36.52
N LYS A 186 2.22 -10.83 -36.44
CA LYS A 186 2.09 -9.58 -35.67
C LYS A 186 1.04 -9.82 -34.59
N GLY A 187 1.31 -9.35 -33.38
CA GLY A 187 0.45 -9.62 -32.22
C GLY A 187 0.75 -8.79 -30.98
N VAL A 188 -0.19 -8.84 -30.02
CA VAL A 188 -0.07 -8.15 -28.73
C VAL A 188 -0.44 -9.12 -27.59
N LYS A 189 0.24 -8.95 -26.45
CA LYS A 189 0.15 -9.85 -25.29
C LYS A 189 0.10 -9.03 -24.00
N PHE A 190 -0.87 -9.28 -23.13
CA PHE A 190 -0.95 -8.61 -21.82
C PHE A 190 0.06 -9.20 -20.83
N LEU A 191 0.84 -8.34 -20.18
CA LEU A 191 1.76 -8.74 -19.10
C LEU A 191 1.08 -8.60 -17.75
N THR A 192 0.57 -7.41 -17.46
CA THR A 192 -0.21 -7.13 -16.24
C THR A 192 -1.54 -6.45 -16.59
N LEU A 193 -2.55 -6.76 -15.78
CA LEU A 193 -3.84 -6.10 -15.81
C LEU A 193 -3.90 -5.27 -14.53
N PRO A 194 -4.23 -3.96 -14.63
CA PRO A 194 -4.20 -3.10 -13.46
C PRO A 194 -5.39 -3.37 -12.50
N PRO A 195 -5.32 -2.92 -11.22
CA PRO A 195 -6.43 -3.12 -10.27
C PRO A 195 -7.78 -2.54 -10.73
N VAL A 196 -7.79 -1.27 -11.14
CA VAL A 196 -8.96 -0.65 -11.76
C VAL A 196 -8.76 -0.69 -13.27
N LEU A 197 -9.55 -1.52 -13.96
CA LEU A 197 -9.47 -1.73 -15.41
C LEU A 197 -10.51 -0.86 -16.17
N HIS A 198 -10.01 0.07 -16.98
CA HIS A 198 -10.86 0.92 -17.86
C HIS A 198 -10.97 0.39 -19.32
N LEU A 199 -12.14 -0.12 -19.67
CA LEU A 199 -12.45 -0.62 -21.02
C LEU A 199 -13.39 0.32 -21.78
N GLN A 200 -12.91 0.94 -22.86
CA GLN A 200 -13.78 1.62 -23.89
C GLN A 200 -14.22 0.63 -24.98
N LEU A 201 -15.52 0.59 -25.25
CA LEU A 201 -16.09 -0.23 -26.34
C LEU A 201 -16.15 0.58 -27.64
N MET A 202 -15.52 0.10 -28.70
CA MET A 202 -15.41 0.87 -29.96
C MET A 202 -16.74 0.96 -30.72
N ARG A 203 -17.57 1.89 -30.26
CA ARG A 203 -18.90 2.14 -30.82
C ARG A 203 -18.90 2.87 -32.19
N PHE A 204 -17.79 3.51 -32.57
CA PHE A 204 -17.65 4.18 -33.88
C PHE A 204 -16.58 3.52 -34.77
N MET A 205 -16.88 3.45 -36.06
CA MET A 205 -15.97 3.03 -37.15
C MET A 205 -16.03 4.03 -38.29
N TYR A 206 -14.92 4.17 -39.01
CA TYR A 206 -14.90 4.85 -40.31
C TYR A 206 -15.59 3.93 -41.36
N ASP A 207 -16.17 4.58 -42.37
CA ASP A 207 -17.05 3.97 -43.37
C ASP A 207 -16.40 4.33 -44.71
N PRO A 208 -16.18 3.35 -45.62
CA PRO A 208 -15.58 3.62 -46.97
C PRO A 208 -16.34 4.64 -47.82
N GLN A 209 -17.63 4.39 -48.08
CA GLN A 209 -18.56 5.40 -48.67
C GLN A 209 -18.84 6.45 -47.58
N THR A 210 -19.77 7.39 -47.78
CA THR A 210 -20.20 8.43 -46.78
C THR A 210 -19.10 9.43 -46.28
N ASP A 211 -17.95 8.89 -45.90
CA ASP A 211 -16.70 9.63 -45.59
C ASP A 211 -16.89 10.34 -44.25
N GLN A 212 -17.25 9.52 -43.26
CA GLN A 212 -17.77 9.93 -41.95
C GLN A 212 -17.77 8.71 -40.99
N ASN A 213 -17.84 9.00 -39.69
CA ASN A 213 -17.96 7.98 -38.66
C ASN A 213 -19.41 7.56 -38.43
N ILE A 214 -19.71 6.30 -38.76
CA ILE A 214 -20.99 5.66 -38.47
C ILE A 214 -20.93 4.87 -37.15
N LYS A 215 -22.00 5.01 -36.35
CA LYS A 215 -22.10 4.41 -35.03
C LYS A 215 -22.61 2.98 -35.14
N ILE A 216 -22.31 2.18 -34.13
CA ILE A 216 -22.67 0.76 -34.05
C ILE A 216 -23.61 0.60 -32.86
N ASN A 217 -24.83 0.15 -33.12
CA ASN A 217 -25.88 -0.03 -32.10
C ASN A 217 -26.13 -1.55 -31.87
N ASP A 218 -25.05 -2.34 -31.87
CA ASP A 218 -25.12 -3.81 -31.73
C ASP A 218 -25.23 -4.21 -30.27
N ARG A 219 -25.84 -5.38 -30.07
CA ARG A 219 -25.82 -6.09 -28.80
C ARG A 219 -24.38 -6.48 -28.53
N PHE A 220 -23.82 -5.90 -27.48
CA PHE A 220 -22.54 -6.29 -26.94
C PHE A 220 -22.71 -6.67 -25.46
N GLU A 221 -22.61 -7.97 -25.18
CA GLU A 221 -22.81 -8.54 -23.85
C GLU A 221 -21.52 -8.43 -23.04
N PHE A 222 -21.63 -8.12 -21.75
CA PHE A 222 -20.51 -8.00 -20.81
C PHE A 222 -20.93 -8.51 -19.42
N PRO A 223 -20.06 -9.29 -18.73
CA PRO A 223 -20.50 -9.99 -17.52
C PRO A 223 -20.21 -9.25 -16.22
N GLU A 224 -20.89 -9.62 -15.14
CA GLU A 224 -20.58 -9.10 -13.79
C GLU A 224 -19.20 -9.58 -13.33
N GLN A 225 -18.94 -10.88 -13.49
CA GLN A 225 -17.63 -11.49 -13.22
C GLN A 225 -16.92 -11.71 -14.55
N LEU A 226 -15.69 -11.20 -14.66
CA LEU A 226 -14.90 -11.24 -15.89
C LEU A 226 -13.54 -11.91 -15.59
N PRO A 227 -13.37 -13.20 -15.99
CA PRO A 227 -12.06 -13.85 -15.84
C PRO A 227 -11.13 -13.60 -17.04
N LEU A 228 -9.89 -13.14 -16.77
CA LEU A 228 -8.92 -12.72 -17.81
C LEU A 228 -7.55 -13.41 -17.80
N ASP A 229 -7.32 -14.41 -16.93
CA ASP A 229 -6.03 -15.20 -16.90
C ASP A 229 -5.57 -15.73 -18.26
N GLU A 230 -6.53 -16.23 -19.05
CA GLU A 230 -6.26 -16.75 -20.41
C GLU A 230 -5.86 -15.70 -21.47
N PHE A 231 -5.94 -14.40 -21.13
CA PHE A 231 -5.36 -13.31 -21.93
C PHE A 231 -4.03 -12.74 -21.43
N LEU A 232 -3.55 -13.20 -20.27
CA LEU A 232 -2.19 -12.94 -19.81
C LEU A 232 -1.23 -13.99 -20.36
N GLN A 233 0.02 -13.57 -20.55
CA GLN A 233 1.10 -14.43 -21.03
C GLN A 233 1.54 -15.40 -19.92
N LYS A 234 1.91 -14.84 -18.77
CA LYS A 234 2.20 -15.63 -17.56
C LYS A 234 1.14 -15.32 -16.52
N THR A 235 0.38 -16.35 -16.10
CA THR A 235 -0.64 -16.24 -15.04
C THR A 235 0.00 -16.33 -13.65
N ASP A 236 -0.81 -16.11 -12.62
CA ASP A 236 -0.42 -16.25 -11.20
C ASP A 236 -1.51 -17.04 -10.45
N PRO A 237 -1.17 -18.22 -9.86
CA PRO A 237 -2.15 -18.91 -8.97
C PRO A 237 -2.43 -18.17 -7.64
N LYS A 238 -1.45 -17.44 -7.12
CA LYS A 238 -1.63 -16.59 -5.91
C LYS A 238 -2.61 -15.41 -6.07
N ASP A 239 -2.75 -14.90 -7.30
CA ASP A 239 -3.64 -13.76 -7.62
C ASP A 239 -4.16 -13.95 -9.05
N PRO A 240 -5.34 -14.58 -9.20
CA PRO A 240 -5.98 -14.64 -10.52
C PRO A 240 -6.45 -13.28 -11.03
N ALA A 241 -6.69 -13.21 -12.33
CA ALA A 241 -7.23 -12.02 -13.00
C ALA A 241 -8.74 -12.14 -13.13
N ASN A 242 -9.41 -12.34 -12.00
CA ASN A 242 -10.87 -12.35 -11.94
C ASN A 242 -11.22 -10.94 -11.59
N TYR A 243 -11.95 -10.31 -12.52
CA TYR A 243 -12.43 -8.95 -12.37
C TYR A 243 -13.93 -8.91 -12.05
N ILE A 244 -14.33 -7.89 -11.30
CA ILE A 244 -15.68 -7.68 -10.84
C ILE A 244 -16.13 -6.38 -11.48
N LEU A 245 -17.34 -6.36 -12.02
CA LEU A 245 -17.87 -5.15 -12.68
C LEU A 245 -18.26 -4.12 -11.62
N HIS A 246 -17.88 -2.87 -11.90
CA HIS A 246 -18.08 -1.71 -11.02
C HIS A 246 -18.98 -0.60 -11.60
N ALA A 247 -18.69 -0.19 -12.84
CA ALA A 247 -19.43 0.87 -13.54
C ALA A 247 -19.69 0.58 -15.03
N VAL A 248 -20.77 1.17 -15.54
CA VAL A 248 -21.19 1.07 -16.93
C VAL A 248 -21.61 2.47 -17.35
N LEU A 249 -20.83 3.08 -18.22
CA LEU A 249 -21.16 4.40 -18.81
C LEU A 249 -21.98 4.19 -20.09
N VAL A 250 -23.04 4.98 -20.27
CA VAL A 250 -24.07 4.76 -21.32
C VAL A 250 -24.43 6.07 -22.02
N HIS A 251 -24.57 6.02 -23.35
CA HIS A 251 -25.15 7.10 -24.18
C HIS A 251 -26.52 6.68 -24.72
N SER A 252 -27.38 7.67 -24.94
CA SER A 252 -28.65 7.51 -25.71
C SER A 252 -28.90 8.72 -26.60
N GLY A 253 -29.75 8.53 -27.61
CA GLY A 253 -30.20 9.63 -28.47
C GLY A 253 -29.16 10.07 -29.49
N ASP A 254 -29.24 11.33 -29.92
CA ASP A 254 -28.43 11.86 -31.04
C ASP A 254 -26.97 12.11 -30.58
N ASN A 255 -26.02 11.83 -31.47
CA ASN A 255 -24.56 11.95 -31.17
C ASN A 255 -24.09 13.37 -30.94
N HIS A 256 -24.64 14.30 -31.70
CA HIS A 256 -24.33 15.74 -31.60
C HIS A 256 -25.09 16.30 -30.40
N GLY A 257 -24.62 15.92 -29.20
CA GLY A 257 -25.36 16.07 -27.93
C GLY A 257 -25.80 14.72 -27.34
N GLY A 258 -27.11 14.53 -27.15
CA GLY A 258 -27.68 13.32 -26.51
C GLY A 258 -27.55 13.30 -24.99
N HIS A 259 -28.03 12.21 -24.37
CA HIS A 259 -28.06 12.05 -22.89
C HIS A 259 -27.13 10.94 -22.35
N TYR A 260 -26.29 11.31 -21.38
CA TYR A 260 -25.28 10.42 -20.78
C TYR A 260 -25.66 9.99 -19.35
N VAL A 261 -25.58 8.69 -19.08
CA VAL A 261 -25.82 8.11 -17.74
C VAL A 261 -24.66 7.17 -17.40
N VAL A 262 -24.29 7.12 -16.12
CA VAL A 262 -23.45 6.05 -15.57
C VAL A 262 -24.25 5.22 -14.59
N TYR A 263 -24.16 3.90 -14.74
CA TYR A 263 -24.69 2.91 -13.79
C TYR A 263 -23.48 2.44 -12.98
N LEU A 264 -23.65 2.33 -11.66
CA LEU A 264 -22.54 2.10 -10.72
C LEU A 264 -22.91 1.14 -9.59
N ASN A 265 -21.86 0.55 -9.02
CA ASN A 265 -21.91 -0.54 -8.04
C ASN A 265 -20.87 -0.15 -6.98
N PRO A 266 -21.09 0.96 -6.25
CA PRO A 266 -20.01 1.66 -5.55
C PRO A 266 -19.27 0.89 -4.44
N LYS A 267 -19.99 0.12 -3.64
CA LYS A 267 -19.36 -0.79 -2.68
C LYS A 267 -18.81 -2.08 -3.33
N GLY A 268 -19.20 -2.39 -4.57
CA GLY A 268 -18.80 -3.63 -5.23
C GLY A 268 -19.51 -4.84 -4.65
N ASP A 269 -20.74 -4.62 -4.17
CA ASP A 269 -21.57 -5.64 -3.48
C ASP A 269 -22.82 -6.00 -4.29
N GLY A 270 -22.82 -5.67 -5.58
CA GLY A 270 -23.97 -5.85 -6.45
C GLY A 270 -25.20 -5.01 -6.17
N LYS A 271 -25.06 -3.92 -5.41
CA LYS A 271 -26.19 -3.04 -5.10
C LYS A 271 -26.02 -1.86 -6.06
N TRP A 272 -26.78 -1.92 -7.15
CA TRP A 272 -26.66 -0.97 -8.25
C TRP A 272 -27.51 0.30 -8.08
N CYS A 273 -26.90 1.45 -8.40
CA CYS A 273 -27.61 2.73 -8.60
C CYS A 273 -27.40 3.30 -10.02
N LYS A 274 -28.36 4.11 -10.46
CA LYS A 274 -28.32 4.82 -11.74
C LYS A 274 -28.06 6.28 -11.46
N PHE A 275 -26.94 6.82 -11.95
CA PHE A 275 -26.58 8.24 -11.81
C PHE A 275 -26.91 9.02 -13.10
N ASP A 276 -28.14 9.53 -13.17
CA ASP A 276 -28.58 10.44 -14.23
C ASP A 276 -28.41 11.88 -13.72
N ASP A 277 -27.27 12.49 -14.06
CA ASP A 277 -26.89 13.85 -13.64
C ASP A 277 -27.24 14.11 -12.17
N ASP A 278 -28.29 14.89 -11.90
CA ASP A 278 -28.61 15.32 -10.54
C ASP A 278 -29.49 14.32 -9.77
N VAL A 279 -29.99 13.29 -10.47
CA VAL A 279 -30.95 12.34 -9.94
C VAL A 279 -30.26 10.99 -9.81
N VAL A 280 -29.74 10.70 -8.61
CA VAL A 280 -29.24 9.35 -8.28
C VAL A 280 -30.45 8.55 -7.76
N SER A 281 -30.54 7.29 -8.20
CA SER A 281 -31.64 6.38 -7.84
C SER A 281 -31.18 4.92 -7.85
N ARG A 282 -31.91 4.07 -7.15
CA ARG A 282 -31.65 2.63 -7.14
C ARG A 282 -32.19 1.98 -8.41
N CYS A 283 -31.49 0.95 -8.88
CA CYS A 283 -31.87 0.18 -10.06
C CYS A 283 -31.43 -1.27 -9.90
N THR A 284 -32.07 -2.15 -10.66
CA THR A 284 -31.75 -3.59 -10.62
C THR A 284 -30.37 -3.85 -11.25
N LYS A 285 -29.73 -4.96 -10.90
CA LYS A 285 -28.54 -5.50 -11.66
C LYS A 285 -28.79 -5.52 -13.17
N GLU A 286 -30.00 -5.90 -13.54
CA GLU A 286 -30.44 -6.09 -14.90
C GLU A 286 -30.56 -4.76 -15.64
N GLU A 287 -31.12 -3.73 -14.99
CA GLU A 287 -31.11 -2.36 -15.52
C GLU A 287 -29.69 -1.86 -15.84
N ALA A 288 -28.74 -2.18 -14.96
CA ALA A 288 -27.33 -1.80 -15.13
C ALA A 288 -26.63 -2.62 -16.20
N ILE A 289 -26.69 -3.94 -16.07
CA ILE A 289 -25.96 -4.87 -16.93
C ILE A 289 -26.79 -5.23 -18.17
N GLU A 290 -27.73 -6.19 -18.04
CA GLU A 290 -28.43 -6.83 -19.19
C GLU A 290 -29.11 -5.82 -20.13
N HIS A 291 -29.82 -4.85 -19.54
CA HIS A 291 -30.60 -3.86 -20.30
C HIS A 291 -29.78 -2.82 -21.09
N ASN A 292 -28.45 -2.73 -20.87
CA ASN A 292 -27.54 -1.84 -21.64
C ASN A 292 -26.64 -2.60 -22.63
N TYR A 293 -27.19 -3.65 -23.24
CA TYR A 293 -26.44 -4.53 -24.15
C TYR A 293 -26.57 -4.02 -25.58
N GLY A 294 -27.79 -3.83 -26.08
CA GLY A 294 -27.96 -3.20 -27.39
C GLY A 294 -29.35 -3.01 -27.93
N GLY A 295 -29.41 -2.61 -29.20
CA GLY A 295 -30.64 -2.27 -29.92
C GLY A 295 -31.55 -3.45 -30.20
N HIS A 296 -32.19 -3.91 -29.14
CA HIS A 296 -32.95 -5.16 -29.10
C HIS A 296 -34.41 -4.79 -28.79
N ASP A 297 -35.11 -4.40 -29.86
CA ASP A 297 -36.56 -4.20 -29.87
C ASP A 297 -37.26 -5.24 -30.76
N ASP A 298 -36.68 -5.50 -31.95
CA ASP A 298 -37.04 -6.64 -32.82
C ASP A 298 -36.99 -7.98 -32.11
N THR A 306 -29.68 3.22 -27.52
CA THR A 306 -29.04 3.16 -26.22
C THR A 306 -27.91 2.14 -26.21
N ASN A 307 -26.71 2.57 -25.79
CA ASN A 307 -25.49 1.77 -25.89
C ASN A 307 -24.52 2.04 -24.76
N ALA A 308 -23.99 0.97 -24.16
CA ALA A 308 -22.82 1.07 -23.27
C ALA A 308 -21.61 1.41 -24.13
N TYR A 309 -20.74 2.29 -23.63
CA TYR A 309 -19.49 2.68 -24.33
C TYR A 309 -18.21 2.56 -23.51
N MET A 310 -18.27 2.80 -22.20
CA MET A 310 -17.16 2.50 -21.29
C MET A 310 -17.63 1.56 -20.20
N LEU A 311 -16.72 0.68 -19.77
CA LEU A 311 -16.94 -0.23 -18.65
C LEU A 311 -15.72 -0.18 -17.75
N VAL A 312 -15.99 -0.19 -16.43
CA VAL A 312 -14.95 -0.26 -15.41
C VAL A 312 -15.07 -1.58 -14.67
N TYR A 313 -13.94 -2.26 -14.53
CA TYR A 313 -13.83 -3.52 -13.78
C TYR A 313 -12.76 -3.35 -12.70
N ILE A 314 -12.97 -3.99 -11.55
CA ILE A 314 -12.00 -3.98 -10.43
C ILE A 314 -11.52 -5.41 -10.15
N ARG A 315 -10.22 -5.54 -9.86
CA ARG A 315 -9.64 -6.87 -9.59
C ARG A 315 -10.13 -7.37 -8.24
N GLU A 316 -10.75 -8.55 -8.24
CA GLU A 316 -11.33 -9.18 -7.05
C GLU A 316 -10.37 -9.11 -5.85
N SER A 317 -9.12 -9.54 -6.07
CA SER A 317 -8.05 -9.47 -5.05
C SER A 317 -7.79 -8.06 -4.51
N LYS A 318 -7.86 -7.06 -5.39
CA LYS A 318 -7.64 -5.64 -5.03
C LYS A 318 -8.92 -4.85 -4.64
N LEU A 319 -10.06 -5.53 -4.48
CA LEU A 319 -11.36 -4.83 -4.31
C LEU A 319 -11.52 -4.12 -2.97
N SER A 320 -11.21 -4.82 -1.89
CA SER A 320 -11.22 -4.25 -0.54
C SER A 320 -10.25 -3.06 -0.38
N GLU A 321 -9.07 -3.15 -1.01
CA GLU A 321 -8.10 -2.05 -1.02
C GLU A 321 -8.62 -0.89 -1.84
N VAL A 322 -9.03 -1.15 -3.09
CA VAL A 322 -9.48 -0.08 -4.03
C VAL A 322 -10.71 0.68 -3.50
N LEU A 323 -11.68 -0.06 -2.97
CA LEU A 323 -12.93 0.49 -2.44
C LEU A 323 -12.96 0.59 -0.90
N GLN A 324 -11.78 0.77 -0.28
CA GLN A 324 -11.64 1.06 1.17
C GLN A 324 -12.51 2.23 1.60
N ALA A 325 -13.09 2.15 2.80
CA ALA A 325 -14.01 3.17 3.29
C ALA A 325 -13.31 4.52 3.47
N VAL A 326 -13.84 5.54 2.79
CA VAL A 326 -13.42 6.94 2.97
C VAL A 326 -14.19 7.50 4.16
N THR A 327 -13.51 8.32 4.95
CA THR A 327 -14.11 9.01 6.09
C THR A 327 -13.74 10.47 5.98
N ASP A 328 -14.41 11.28 6.80
CA ASP A 328 -14.14 12.73 6.85
C ASP A 328 -12.74 13.05 7.34
N HIS A 329 -12.21 12.17 8.19
CA HIS A 329 -10.79 12.18 8.63
C HIS A 329 -9.77 12.13 7.48
N ASP A 330 -10.10 11.37 6.45
CA ASP A 330 -9.22 11.21 5.27
C ASP A 330 -9.05 12.47 4.39
N ILE A 331 -9.92 13.49 4.57
CA ILE A 331 -9.69 14.83 3.98
C ILE A 331 -8.90 15.66 4.99
N PRO A 332 -7.74 16.27 4.59
CA PRO A 332 -7.00 17.18 5.48
C PRO A 332 -7.81 18.34 6.03
N GLN A 333 -7.40 18.87 7.18
CA GLN A 333 -8.08 19.98 7.84
C GLN A 333 -7.99 21.27 7.01
N GLN A 334 -6.80 21.58 6.51
CA GLN A 334 -6.54 22.81 5.70
C GLN A 334 -7.35 22.88 4.41
N LEU A 335 -7.57 21.73 3.78
CA LEU A 335 -8.46 21.61 2.62
C LEU A 335 -9.91 21.82 3.04
N VAL A 336 -10.34 21.24 4.16
CA VAL A 336 -11.69 21.50 4.69
C VAL A 336 -11.86 22.99 5.05
N GLU A 337 -10.83 23.62 5.64
CA GLU A 337 -10.85 25.07 5.93
C GLU A 337 -11.06 25.85 4.63
N ARG A 338 -10.19 25.62 3.65
CA ARG A 338 -10.21 26.31 2.33
C ARG A 338 -11.55 26.21 1.57
N LEU A 339 -12.06 24.98 1.45
CA LEU A 339 -13.28 24.72 0.67
C LEU A 339 -14.56 25.23 1.35
N GLN A 340 -14.60 25.17 2.68
CA GLN A 340 -15.64 25.86 3.47
C GLN A 340 -15.53 27.39 3.42
N GLU A 341 -14.30 27.92 3.36
CA GLU A 341 -14.03 29.36 3.19
C GLU A 341 -14.57 29.94 1.88
N GLU A 342 -14.57 29.13 0.82
CA GLU A 342 -15.27 29.48 -0.43
C GLU A 342 -16.77 29.55 -0.21
N LYS A 343 -17.33 28.47 0.35
CA LYS A 343 -18.77 28.38 0.66
C LYS A 343 -19.28 29.42 1.70
N ARG A 344 -18.39 29.92 2.57
CA ARG A 344 -18.70 31.06 3.46
C ARG A 344 -18.79 32.37 2.67
N ILE A 345 -17.79 32.64 1.84
CA ILE A 345 -17.69 33.90 1.07
C ILE A 345 -18.73 33.96 -0.08
N GLU A 346 -18.89 32.85 -0.81
CA GLU A 346 -19.86 32.75 -1.92
C GLU A 346 -21.34 32.83 -1.49
N ALA A 347 -21.68 32.21 -0.35
CA ALA A 347 -23.00 32.36 0.28
C ALA A 347 -23.26 33.79 0.79
N GLN A 348 -22.21 34.47 1.26
CA GLN A 348 -22.30 35.88 1.73
C GLN A 348 -22.60 36.91 0.60
N LYS A 349 -23.85 36.88 0.13
CA LYS A 349 -24.36 37.66 -1.02
C LYS A 349 -25.80 38.13 -0.73
N SER B 2 14.14 -18.70 -1.48
CA SER B 2 13.69 -18.61 -2.91
C SER B 2 12.36 -17.86 -3.03
N LYS B 3 12.27 -16.98 -4.04
CA LYS B 3 11.08 -16.13 -4.25
C LYS B 3 9.85 -16.87 -4.80
N LYS B 4 10.08 -17.90 -5.64
CA LYS B 4 9.00 -18.69 -6.27
C LYS B 4 8.08 -19.41 -5.26
N HIS B 5 8.68 -20.07 -4.27
CA HIS B 5 7.93 -20.81 -3.24
C HIS B 5 7.17 -19.89 -2.25
N THR B 6 7.91 -18.94 -1.66
CA THR B 6 7.42 -18.11 -0.54
C THR B 6 6.85 -16.74 -0.93
N GLY B 7 7.37 -16.15 -2.01
CA GLY B 7 7.12 -14.75 -2.38
C GLY B 7 8.19 -13.76 -1.93
N TYR B 8 9.04 -14.16 -0.98
CA TYR B 8 9.98 -13.28 -0.29
C TYR B 8 11.41 -13.73 -0.60
N VAL B 9 12.36 -12.84 -0.43
CA VAL B 9 13.78 -13.17 -0.66
C VAL B 9 14.65 -12.94 0.56
N GLY B 10 15.74 -13.71 0.59
CA GLY B 10 16.65 -13.73 1.69
C GLY B 10 17.68 -12.62 1.60
N LEU B 11 18.53 -12.58 2.63
CA LEU B 11 19.74 -11.75 2.67
C LEU B 11 20.98 -12.64 2.62
N LYS B 12 22.10 -12.10 2.13
CA LYS B 12 23.36 -12.86 2.01
C LYS B 12 23.90 -13.35 3.38
N ASN B 13 24.51 -14.53 3.37
CA ASN B 13 25.06 -15.15 4.58
C ASN B 13 26.34 -14.40 4.96
N GLN B 14 26.17 -13.36 5.78
CA GLN B 14 27.26 -12.67 6.43
C GLN B 14 27.25 -13.08 7.91
N GLY B 15 28.28 -13.82 8.33
CA GLY B 15 28.42 -14.30 9.72
C GLY B 15 28.75 -13.19 10.71
N ALA B 16 29.68 -12.31 10.32
CA ALA B 16 29.99 -11.05 11.05
C ALA B 16 28.75 -10.25 11.51
N THR B 17 27.75 -10.18 10.64
CA THR B 17 26.47 -9.47 10.84
C THR B 17 25.63 -9.93 12.05
N CYS B 18 25.72 -11.22 12.40
CA CYS B 18 25.00 -11.84 13.53
C CYS B 18 23.48 -11.70 13.37
N TYR B 19 22.90 -10.66 13.96
CA TYR B 19 21.42 -10.52 14.10
C TYR B 19 20.82 -9.49 13.13
N MET B 20 21.62 -8.88 12.25
CA MET B 20 21.16 -7.80 11.40
C MET B 20 20.11 -8.27 10.38
N ASN B 21 20.43 -9.33 9.64
CA ASN B 21 19.51 -9.96 8.68
C ASN B 21 18.12 -10.30 9.25
N SER B 22 18.11 -10.83 10.47
CA SER B 22 16.88 -11.04 11.24
C SER B 22 16.10 -9.74 11.41
N LEU B 23 16.81 -8.67 11.81
CA LEU B 23 16.21 -7.36 12.07
C LEU B 23 15.73 -6.66 10.80
N LEU B 24 16.52 -6.74 9.72
CA LEU B 24 16.17 -6.12 8.45
C LEU B 24 14.85 -6.67 7.89
N GLN B 25 14.68 -8.00 7.94
CA GLN B 25 13.44 -8.65 7.49
C GLN B 25 12.24 -8.26 8.36
N THR B 26 12.45 -8.30 9.67
CA THR B 26 11.50 -7.82 10.68
C THR B 26 11.00 -6.39 10.42
N LEU B 27 11.94 -5.51 10.05
CA LEU B 27 11.65 -4.10 9.74
C LEU B 27 11.07 -3.90 8.35
N PHE B 28 11.54 -4.68 7.38
CA PHE B 28 11.00 -4.63 6.01
C PHE B 28 9.54 -5.03 5.93
N PHE B 29 9.17 -6.11 6.63
CA PHE B 29 7.77 -6.56 6.75
C PHE B 29 6.95 -5.82 7.83
N THR B 30 7.47 -4.70 8.33
CA THR B 30 6.68 -3.66 8.99
C THR B 30 6.33 -2.60 7.88
N ASN B 31 5.31 -2.91 7.07
CA ASN B 31 5.09 -2.24 5.76
C ASN B 31 4.95 -0.72 5.77
N GLN B 32 4.20 -0.20 6.73
CA GLN B 32 4.04 1.24 6.94
C GLN B 32 5.37 1.97 7.12
N LEU B 33 6.34 1.35 7.83
CA LEU B 33 7.72 1.86 7.88
C LEU B 33 8.39 1.85 6.49
N ARG B 34 8.29 0.71 5.81
CA ARG B 34 8.90 0.51 4.48
C ARG B 34 8.46 1.62 3.49
N LYS B 35 7.16 1.90 3.43
CA LYS B 35 6.59 2.99 2.61
C LYS B 35 7.12 4.37 2.97
N ALA B 36 7.15 4.65 4.28
CA ALA B 36 7.75 5.88 4.84
C ALA B 36 9.23 6.02 4.55
N VAL B 37 9.97 4.91 4.62
CA VAL B 37 11.41 4.89 4.32
C VAL B 37 11.64 5.29 2.86
N TYR B 38 10.89 4.69 1.95
CA TYR B 38 10.92 5.11 0.53
C TYR B 38 10.63 6.62 0.25
N MET B 39 9.76 7.22 1.06
CA MET B 39 9.51 8.67 1.03
C MET B 39 10.62 9.62 1.49
N MET B 40 11.62 9.13 2.22
CA MET B 40 12.69 9.99 2.74
C MET B 40 13.42 10.71 1.59
N PRO B 41 13.61 12.05 1.71
CA PRO B 41 14.21 12.84 0.62
C PRO B 41 15.74 12.73 0.57
N THR B 42 16.21 11.56 0.13
CA THR B 42 17.64 11.21 0.10
C THR B 42 18.35 11.46 -1.25
N GLU B 43 17.68 12.14 -2.19
CA GLU B 43 18.32 12.75 -3.38
C GLU B 43 19.55 13.63 -3.07
N GLY B 44 19.56 14.28 -1.91
CA GLY B 44 20.73 15.04 -1.44
C GLY B 44 21.95 14.24 -0.97
N ASP B 45 21.71 13.07 -0.38
CA ASP B 45 22.72 12.39 0.46
C ASP B 45 23.77 11.60 -0.35
N ASP B 46 24.96 11.45 0.24
CA ASP B 46 26.11 10.76 -0.37
C ASP B 46 25.96 9.25 -0.24
N SER B 47 26.22 8.52 -1.32
CA SER B 47 25.87 7.10 -1.45
C SER B 47 26.49 6.19 -0.38
N SER B 48 27.81 6.29 -0.25
CA SER B 48 28.60 5.46 0.69
C SER B 48 28.22 5.62 2.17
N LYS B 49 27.93 6.86 2.60
CA LYS B 49 27.73 7.21 4.01
C LYS B 49 26.29 7.51 4.48
N SER B 50 25.32 7.56 3.56
CA SER B 50 23.91 7.83 3.91
C SER B 50 23.27 6.56 4.47
N VAL B 51 22.98 6.57 5.77
CA VAL B 51 22.30 5.45 6.43
C VAL B 51 20.85 5.33 5.92
N PRO B 52 20.08 6.44 5.86
CA PRO B 52 18.78 6.45 5.17
C PRO B 52 18.78 5.84 3.77
N LEU B 53 19.76 6.20 2.95
CA LEU B 53 19.86 5.66 1.59
C LEU B 53 20.15 4.16 1.55
N ALA B 54 21.05 3.71 2.42
CA ALA B 54 21.41 2.30 2.48
C ALA B 54 20.24 1.43 2.92
N LEU B 55 19.47 1.90 3.90
CA LEU B 55 18.24 1.22 4.30
C LEU B 55 17.13 1.31 3.22
N GLN B 56 17.12 2.37 2.42
CA GLN B 56 16.29 2.39 1.21
C GLN B 56 16.75 1.36 0.17
N ARG B 57 18.06 1.24 -0.03
CA ARG B 57 18.64 0.28 -0.99
C ARG B 57 18.30 -1.17 -0.66
N VAL B 58 18.47 -1.56 0.60
CA VAL B 58 18.18 -2.92 1.05
C VAL B 58 16.71 -3.24 0.89
N PHE B 59 15.87 -2.36 1.44
CA PHE B 59 14.40 -2.43 1.30
C PHE B 59 13.98 -2.56 -0.14
N TYR B 60 14.42 -1.62 -0.98
CA TYR B 60 14.18 -1.65 -2.43
C TYR B 60 14.48 -3.01 -3.03
N GLU B 61 15.67 -3.52 -2.72
CA GLU B 61 16.15 -4.79 -3.26
C GLU B 61 15.39 -5.98 -2.70
N LEU B 62 15.14 -6.01 -1.39
CA LEU B 62 14.30 -7.05 -0.78
C LEU B 62 12.92 -7.16 -1.43
N GLN B 63 12.36 -6.01 -1.79
CA GLN B 63 11.08 -5.93 -2.52
C GLN B 63 11.14 -6.41 -3.96
N HIS B 64 12.19 -6.00 -4.68
CA HIS B 64 12.36 -6.23 -6.14
C HIS B 64 13.21 -7.43 -6.59
N SER B 65 14.20 -7.85 -5.80
CA SER B 65 15.19 -8.87 -6.22
C SER B 65 14.62 -10.27 -6.27
N ASP B 66 15.19 -11.08 -7.16
CA ASP B 66 14.98 -12.54 -7.19
C ASP B 66 16.03 -13.27 -6.38
N LYS B 67 17.30 -12.92 -6.65
CA LYS B 67 18.46 -13.48 -5.94
C LYS B 67 18.63 -12.80 -4.56
N PRO B 68 19.30 -13.48 -3.58
CA PRO B 68 19.57 -12.92 -2.24
C PRO B 68 20.21 -11.52 -2.21
N VAL B 69 19.85 -10.73 -1.20
CA VAL B 69 20.17 -9.30 -1.12
C VAL B 69 21.41 -9.04 -0.24
N GLY B 70 22.37 -8.31 -0.79
CA GLY B 70 23.57 -7.91 -0.07
C GLY B 70 23.30 -6.77 0.91
N THR B 71 24.16 -6.68 1.91
CA THR B 71 24.13 -5.64 2.96
C THR B 71 25.50 -4.94 3.19
N LYS B 72 26.43 -5.06 2.24
CA LYS B 72 27.79 -4.51 2.38
C LYS B 72 27.80 -2.99 2.52
N LYS B 73 26.99 -2.31 1.68
CA LYS B 73 26.86 -0.84 1.72
C LYS B 73 26.18 -0.29 3.02
N LEU B 74 25.20 -1.03 3.54
CA LEU B 74 24.51 -0.67 4.79
C LEU B 74 25.37 -0.87 6.04
N THR B 75 26.12 -1.97 6.09
CA THR B 75 27.12 -2.19 7.16
C THR B 75 28.21 -1.12 7.20
N LYS B 76 28.66 -0.70 6.02
CA LYS B 76 29.64 0.41 5.89
C LYS B 76 29.10 1.78 6.32
N SER B 77 27.79 2.04 6.17
CA SER B 77 27.21 3.35 6.49
C SER B 77 27.26 3.66 8.00
N PHE B 78 26.61 2.84 8.82
CA PHE B 78 26.63 3.04 10.30
C PHE B 78 27.92 2.62 11.01
N GLY B 79 28.84 1.94 10.30
CA GLY B 79 30.23 1.73 10.77
C GLY B 79 30.50 0.49 11.62
N TRP B 80 29.66 -0.54 11.49
CA TRP B 80 29.81 -1.82 12.17
C TRP B 80 30.25 -2.85 11.13
N GLU B 81 31.47 -2.68 10.66
CA GLU B 81 32.05 -3.58 9.65
C GLU B 81 32.43 -4.95 10.23
N THR B 82 32.95 -4.98 11.47
CA THR B 82 33.50 -6.19 12.11
C THR B 82 32.48 -6.99 12.95
N LEU B 83 32.89 -8.19 13.35
CA LEU B 83 32.09 -9.08 14.24
C LEU B 83 31.92 -8.53 15.65
N ASP B 84 32.97 -7.90 16.17
CA ASP B 84 32.96 -7.34 17.53
C ASP B 84 31.99 -6.16 17.69
N SER B 85 31.84 -5.35 16.64
CA SER B 85 30.81 -4.27 16.58
C SER B 85 29.38 -4.81 16.75
N PHE B 86 29.10 -5.99 16.17
CA PHE B 86 27.81 -6.68 16.40
C PHE B 86 27.70 -7.38 17.73
N MET B 87 28.77 -8.00 18.19
CA MET B 87 28.77 -8.72 19.46
C MET B 87 28.60 -7.75 20.64
N GLN B 88 29.35 -6.65 20.62
CA GLN B 88 29.30 -5.61 21.68
C GLN B 88 27.90 -5.01 21.93
N HIS B 89 27.09 -4.90 20.87
CA HIS B 89 25.70 -4.40 20.96
C HIS B 89 24.65 -5.51 20.98
N ASP B 90 23.42 -5.12 21.31
CA ASP B 90 22.24 -5.96 21.25
C ASP B 90 21.34 -5.51 20.09
N VAL B 91 20.32 -6.31 19.80
CA VAL B 91 19.42 -6.11 18.65
C VAL B 91 18.66 -4.80 18.72
N GLN B 92 18.16 -4.46 19.91
CA GLN B 92 17.46 -3.20 20.12
C GLN B 92 18.31 -1.95 19.93
N GLU B 93 19.61 -2.06 20.16
CA GLU B 93 20.52 -0.93 20.00
C GLU B 93 20.75 -0.66 18.52
N LEU B 94 20.94 -1.73 17.75
CA LEU B 94 20.98 -1.63 16.29
C LEU B 94 19.70 -1.06 15.70
N CYS B 95 18.56 -1.52 16.23
CA CYS B 95 17.26 -0.98 15.83
C CYS B 95 17.15 0.52 16.10
N ARG B 96 17.70 0.98 17.24
CA ARG B 96 17.82 2.42 17.53
C ARG B 96 18.76 3.14 16.54
N VAL B 97 19.93 2.58 16.25
CA VAL B 97 20.88 3.18 15.29
C VAL B 97 20.25 3.42 13.91
N LEU B 98 19.46 2.45 13.43
CA LEU B 98 18.76 2.57 12.15
C LEU B 98 17.61 3.57 12.21
N LEU B 99 16.68 3.35 13.13
CA LEU B 99 15.48 4.17 13.26
C LEU B 99 15.73 5.63 13.68
N ASP B 100 16.70 5.85 14.57
CA ASP B 100 17.09 7.21 14.93
C ASP B 100 17.64 8.00 13.73
N ASN B 101 18.35 7.33 12.80
CA ASN B 101 18.74 7.96 11.52
C ASN B 101 17.55 8.29 10.61
N VAL B 102 16.63 7.34 10.54
CA VAL B 102 15.47 7.38 9.66
C VAL B 102 14.47 8.45 10.12
N GLU B 103 14.07 8.40 11.40
CA GLU B 103 13.27 9.46 12.06
C GLU B 103 13.86 10.84 11.81
N ASN B 104 15.18 11.01 12.00
CA ASN B 104 15.83 12.31 11.79
C ASN B 104 15.76 12.79 10.32
N LYS B 105 15.85 11.87 9.37
CA LYS B 105 15.66 12.20 7.93
C LYS B 105 14.22 12.55 7.57
N MET B 106 13.28 11.86 8.18
CA MET B 106 11.85 12.14 7.99
C MET B 106 11.34 13.50 8.51
N LYS B 107 12.09 14.16 9.41
CA LYS B 107 11.69 15.48 9.94
C LYS B 107 11.52 16.52 8.84
N GLY B 108 10.54 17.39 9.02
CA GLY B 108 10.09 18.32 7.99
C GLY B 108 9.54 17.73 6.69
N THR B 109 9.09 16.47 6.72
CA THR B 109 8.48 15.79 5.54
C THR B 109 7.05 15.38 5.85
N CYS B 110 6.37 14.95 4.78
CA CYS B 110 5.02 14.35 4.86
C CYS B 110 4.97 13.11 5.77
N VAL B 111 6.09 12.41 5.91
CA VAL B 111 6.15 11.20 6.71
C VAL B 111 6.93 11.33 8.06
N GLU B 112 7.08 12.56 8.56
CA GLU B 112 7.52 12.83 9.95
C GLU B 112 6.61 12.18 11.00
N GLY B 113 7.19 11.86 12.16
CA GLY B 113 6.48 11.22 13.26
C GLY B 113 6.19 9.73 13.15
N THR B 114 6.58 9.11 12.04
CA THR B 114 6.22 7.72 11.71
C THR B 114 6.85 6.72 12.68
N ILE B 115 8.09 6.98 13.09
CA ILE B 115 8.80 6.07 14.01
C ILE B 115 8.15 6.10 15.40
N PRO B 116 7.86 7.29 15.96
CA PRO B 116 7.05 7.30 17.19
C PRO B 116 5.63 6.75 17.06
N LYS B 117 5.01 6.95 15.88
CA LYS B 117 3.66 6.47 15.59
C LYS B 117 3.64 4.97 15.75
N LEU B 118 4.58 4.30 15.11
CA LEU B 118 4.67 2.85 15.16
C LEU B 118 5.25 2.27 16.44
N PHE B 119 6.33 2.85 16.97
CA PHE B 119 7.18 2.16 17.98
C PHE B 119 7.20 2.69 19.41
N ARG B 120 6.71 3.91 19.65
CA ARG B 120 6.90 4.59 20.95
C ARG B 120 5.67 4.53 21.86
N GLY B 121 5.76 3.72 22.92
CA GLY B 121 4.83 3.78 24.07
C GLY B 121 5.33 4.68 25.17
N LYS B 122 4.52 4.88 26.20
CA LYS B 122 4.86 5.75 27.37
C LYS B 122 4.61 5.00 28.68
N MET B 123 5.45 5.28 29.70
CA MET B 123 5.33 4.65 31.03
C MET B 123 5.71 5.58 32.17
N VAL B 124 5.14 5.32 33.34
CA VAL B 124 5.49 6.00 34.60
C VAL B 124 6.37 5.05 35.39
N SER B 125 7.52 5.53 35.84
CA SER B 125 8.29 4.91 36.94
C SER B 125 8.04 5.75 38.19
N TYR B 126 7.61 5.09 39.28
CA TYR B 126 7.37 5.76 40.58
C TYR B 126 8.23 5.18 41.69
N ILE B 127 8.70 6.06 42.59
CA ILE B 127 9.23 5.69 43.92
C ILE B 127 8.27 6.35 44.91
N GLN B 128 7.72 5.57 45.86
CA GLN B 128 6.77 6.05 46.91
C GLN B 128 7.21 5.58 48.30
N CYS B 129 7.42 6.52 49.22
CA CYS B 129 7.76 6.21 50.62
C CYS B 129 6.53 5.74 51.38
N LYS B 130 6.70 4.71 52.21
CA LYS B 130 5.60 4.15 53.03
C LYS B 130 5.20 5.10 54.17
N GLU B 131 6.15 5.42 55.04
CA GLU B 131 5.89 6.22 56.26
C GLU B 131 5.74 7.74 56.00
N VAL B 132 6.64 8.31 55.19
CA VAL B 132 6.72 9.77 54.92
C VAL B 132 5.96 10.11 53.62
N ASP B 133 5.48 11.35 53.50
CA ASP B 133 4.83 11.87 52.28
C ASP B 133 5.88 12.42 51.28
N TYR B 134 6.45 11.52 50.49
CA TYR B 134 7.29 11.87 49.33
C TYR B 134 7.09 10.85 48.22
N ARG B 135 6.91 11.35 46.99
CA ARG B 135 6.69 10.52 45.81
C ARG B 135 7.42 11.14 44.62
N SER B 136 8.29 10.35 43.99
CA SER B 136 9.02 10.76 42.79
C SER B 136 8.42 10.00 41.61
N ASP B 137 7.88 10.74 40.63
CA ASP B 137 7.37 10.20 39.36
C ASP B 137 8.29 10.67 38.23
N ARG B 138 8.57 9.77 37.29
CA ARG B 138 9.23 10.14 36.01
C ARG B 138 8.38 9.57 34.88
N ARG B 139 8.03 10.40 33.90
CA ARG B 139 7.44 9.93 32.65
C ARG B 139 8.60 9.60 31.70
N GLU B 140 8.55 8.42 31.09
CA GLU B 140 9.54 7.96 30.11
C GLU B 140 8.82 7.48 28.86
N ASP B 141 9.33 7.86 27.70
CA ASP B 141 9.05 7.13 26.47
C ASP B 141 9.87 5.85 26.46
N TYR B 142 9.43 4.89 25.66
CA TYR B 142 10.19 3.68 25.35
C TYR B 142 9.89 3.24 23.92
N TYR B 143 10.92 2.75 23.22
CA TYR B 143 10.77 2.13 21.89
C TYR B 143 10.81 0.59 21.92
N ASP B 144 11.11 0.02 23.10
CA ASP B 144 11.37 -1.41 23.31
C ASP B 144 11.12 -1.78 24.80
N ILE B 145 10.65 -3.00 25.03
CA ILE B 145 10.56 -3.57 26.37
C ILE B 145 11.53 -4.75 26.46
N GLN B 146 12.35 -4.77 27.52
CA GLN B 146 13.26 -5.89 27.84
C GLN B 146 12.63 -6.65 29.00
N LEU B 147 12.19 -7.87 28.75
CA LEU B 147 11.43 -8.69 29.72
C LEU B 147 12.28 -9.75 30.45
N SER B 148 11.98 -10.01 31.72
CA SER B 148 12.67 -11.03 32.53
C SER B 148 12.07 -12.42 32.28
N ILE B 149 12.90 -13.42 31.96
CA ILE B 149 12.44 -14.80 31.71
C ILE B 149 12.77 -15.84 32.79
N LYS B 150 13.78 -15.63 33.65
CA LYS B 150 14.22 -16.65 34.63
C LYS B 150 13.15 -16.86 35.70
N GLY B 151 12.67 -18.10 35.81
CA GLY B 151 11.55 -18.44 36.70
C GLY B 151 10.15 -18.10 36.20
N LYS B 152 10.05 -17.50 35.01
CA LYS B 152 8.78 -17.09 34.40
C LYS B 152 8.47 -18.10 33.30
N LYS B 153 7.30 -18.74 33.40
CA LYS B 153 6.75 -19.64 32.38
C LYS B 153 6.54 -18.95 31.03
N ASN B 154 6.10 -17.69 31.06
CA ASN B 154 5.56 -17.02 29.87
C ASN B 154 5.56 -15.49 29.91
N ILE B 155 5.15 -14.87 28.79
CA ILE B 155 5.05 -13.41 28.65
C ILE B 155 4.09 -12.76 29.63
N PHE B 156 2.93 -13.38 29.89
CA PHE B 156 2.02 -12.87 30.93
C PHE B 156 2.76 -12.71 32.26
N GLU B 157 3.46 -13.78 32.67
CA GLU B 157 4.26 -13.77 33.89
C GLU B 157 5.42 -12.78 33.87
N SER B 158 6.05 -12.60 32.71
CA SER B 158 7.08 -11.54 32.54
C SER B 158 6.57 -10.12 32.68
N PHE B 159 5.36 -9.86 32.17
CA PHE B 159 4.70 -8.58 32.37
C PHE B 159 4.25 -8.39 33.80
N VAL B 160 3.71 -9.43 34.43
CA VAL B 160 3.40 -9.42 35.88
C VAL B 160 4.63 -8.92 36.66
N ASP B 161 5.78 -9.53 36.39
CA ASP B 161 7.06 -9.13 36.97
C ASP B 161 7.48 -7.70 36.63
N TYR B 162 7.37 -7.30 35.37
CA TYR B 162 7.74 -5.94 34.91
C TYR B 162 7.03 -4.85 35.71
N VAL B 163 5.71 -4.95 35.78
CA VAL B 163 4.88 -3.97 36.53
C VAL B 163 4.88 -4.13 38.05
N ALA B 164 5.25 -5.31 38.56
CA ALA B 164 5.20 -5.61 40.01
C ALA B 164 6.12 -4.73 40.85
N VAL B 165 5.71 -4.56 42.11
CA VAL B 165 6.22 -3.55 43.03
C VAL B 165 7.39 -4.15 43.81
N GLU B 166 8.53 -3.44 43.78
CA GLU B 166 9.74 -3.80 44.52
C GLU B 166 9.78 -3.00 45.81
N GLN B 167 10.20 -3.65 46.89
CA GLN B 167 10.27 -3.05 48.23
C GLN B 167 11.68 -2.58 48.49
N LEU B 168 11.82 -1.31 48.87
CA LEU B 168 13.08 -0.73 49.33
C LEU B 168 13.04 -0.70 50.87
N ASP B 169 13.54 -1.79 51.46
CA ASP B 169 13.67 -1.97 52.92
C ASP B 169 15.05 -2.56 53.24
N GLY B 170 15.35 -2.67 54.54
CA GLY B 170 16.58 -3.33 55.02
C GLY B 170 17.85 -2.51 54.75
N ASP B 171 18.87 -3.15 54.17
CA ASP B 171 20.10 -2.47 53.73
C ASP B 171 19.84 -1.50 52.55
N ASN B 172 19.02 -1.92 51.58
CA ASN B 172 18.65 -1.11 50.38
C ASN B 172 17.34 -0.29 50.56
N LYS B 173 17.33 0.56 51.58
CA LYS B 173 16.30 1.61 51.79
C LYS B 173 16.52 2.76 50.78
N TYR B 174 15.50 3.63 50.64
CA TYR B 174 15.50 4.75 49.68
C TYR B 174 16.06 6.04 50.28
N ASP B 175 17.11 6.59 49.66
CA ASP B 175 17.69 7.91 50.00
C ASP B 175 16.68 8.98 49.55
N ALA B 176 15.87 9.47 50.51
CA ALA B 176 14.74 10.38 50.21
C ALA B 176 15.03 11.88 50.50
N GLY B 177 16.25 12.32 50.20
CA GLY B 177 16.60 13.75 50.21
C GLY B 177 16.58 14.37 51.60
N GLU B 178 15.85 15.49 51.72
CA GLU B 178 15.71 16.21 53.01
C GLU B 178 15.08 15.33 54.13
N HIS B 179 14.22 14.38 53.72
CA HIS B 179 13.58 13.40 54.63
C HIS B 179 14.45 12.20 55.07
N GLY B 180 15.68 12.08 54.55
CA GLY B 180 16.60 11.00 54.95
C GLY B 180 16.27 9.61 54.41
N LEU B 181 17.01 8.60 54.87
CA LEU B 181 16.85 7.20 54.43
C LEU B 181 15.48 6.67 54.86
N GLN B 182 14.83 5.91 53.96
CA GLN B 182 13.39 5.63 54.06
C GLN B 182 12.97 4.27 53.52
N GLU B 183 12.01 3.63 54.21
CA GLU B 183 11.26 2.50 53.66
C GLU B 183 10.37 3.04 52.52
N ALA B 184 10.49 2.45 51.32
CA ALA B 184 9.74 2.88 50.12
C ALA B 184 9.45 1.75 49.14
N GLU B 185 8.41 1.97 48.32
CA GLU B 185 8.03 1.06 47.23
C GLU B 185 8.48 1.64 45.89
N LYS B 186 9.09 0.80 45.05
CA LYS B 186 9.58 1.13 43.70
C LYS B 186 8.78 0.32 42.69
N GLY B 187 8.39 0.94 41.59
CA GLY B 187 7.52 0.30 40.58
C GLY B 187 7.37 1.04 39.26
N VAL B 188 6.82 0.34 38.27
CA VAL B 188 6.64 0.86 36.89
C VAL B 188 5.22 0.52 36.39
N LYS B 189 4.67 1.41 35.57
CA LYS B 189 3.27 1.36 35.11
C LYS B 189 3.21 1.74 33.63
N PHE B 190 2.61 0.90 32.78
CA PHE B 190 2.43 1.25 31.35
C PHE B 190 1.27 2.22 31.15
N LEU B 191 1.52 3.31 30.41
CA LEU B 191 0.49 4.26 30.02
C LEU B 191 -0.08 3.91 28.66
N THR B 192 0.79 3.79 27.65
CA THR B 192 0.42 3.37 26.29
C THR B 192 1.31 2.23 25.79
N LEU B 193 0.74 1.37 24.94
CA LEU B 193 1.47 0.33 24.24
C LEU B 193 1.47 0.73 22.77
N PRO B 194 2.66 0.73 22.12
CA PRO B 194 2.72 1.20 20.72
C PRO B 194 2.11 0.19 19.73
N PRO B 195 1.76 0.62 18.50
CA PRO B 195 1.22 -0.32 17.47
C PRO B 195 2.14 -1.50 17.15
N VAL B 196 3.39 -1.25 16.83
CA VAL B 196 4.40 -2.31 16.67
C VAL B 196 5.19 -2.41 17.97
N LEU B 197 4.99 -3.51 18.70
CA LEU B 197 5.59 -3.75 20.03
C LEU B 197 6.84 -4.63 19.92
N HIS B 198 8.00 -4.06 20.25
CA HIS B 198 9.29 -4.80 20.28
C HIS B 198 9.67 -5.31 21.71
N LEU B 199 9.62 -6.63 21.89
CA LEU B 199 9.96 -7.31 23.15
C LEU B 199 11.27 -8.08 23.02
N GLN B 200 12.31 -7.66 23.74
CA GLN B 200 13.54 -8.49 23.98
C GLN B 200 13.37 -9.36 25.22
N LEU B 201 13.65 -10.66 25.08
CA LEU B 201 13.65 -11.59 26.22
C LEU B 201 15.05 -11.65 26.85
N MET B 202 15.14 -11.37 28.14
CA MET B 202 16.45 -11.29 28.84
C MET B 202 17.09 -12.68 29.03
N ARG B 203 17.71 -13.15 27.93
CA ARG B 203 18.40 -14.45 27.88
C ARG B 203 19.75 -14.47 28.61
N PHE B 204 20.34 -13.29 28.87
CA PHE B 204 21.55 -13.12 29.67
C PHE B 204 21.28 -12.27 30.93
N MET B 205 21.89 -12.68 32.05
CA MET B 205 21.87 -11.90 33.31
C MET B 205 23.26 -11.67 33.87
N TYR B 206 23.44 -10.50 34.50
CA TYR B 206 24.59 -10.26 35.38
C TYR B 206 24.38 -11.01 36.70
N ASP B 207 25.48 -11.34 37.35
CA ASP B 207 25.61 -11.53 38.87
C ASP B 207 24.45 -12.06 39.80
N PRO B 208 24.15 -13.38 39.74
CA PRO B 208 23.22 -14.01 40.74
C PRO B 208 23.87 -14.15 42.17
N GLN B 209 23.61 -15.25 42.89
CA GLN B 209 24.50 -15.72 43.99
C GLN B 209 26.00 -15.93 43.58
N THR B 210 26.25 -16.13 42.29
CA THR B 210 27.60 -16.17 41.69
C THR B 210 27.91 -14.79 41.07
N ASP B 211 29.17 -14.55 40.70
CA ASP B 211 29.66 -13.29 40.08
C ASP B 211 30.13 -13.62 38.66
N GLN B 212 29.16 -14.04 37.86
CA GLN B 212 29.39 -14.43 36.45
C GLN B 212 28.14 -14.25 35.59
N ASN B 213 28.35 -14.08 34.29
CA ASN B 213 27.26 -13.83 33.33
C ASN B 213 26.70 -15.15 32.80
N ILE B 214 25.48 -15.52 33.20
CA ILE B 214 24.87 -16.81 32.78
C ILE B 214 23.92 -16.62 31.60
N LYS B 215 23.99 -17.50 30.60
CA LYS B 215 22.94 -17.60 29.56
C LYS B 215 21.83 -18.48 30.11
N ILE B 216 20.61 -18.22 29.65
CA ILE B 216 19.40 -18.89 30.13
C ILE B 216 18.78 -19.61 28.93
N ASN B 217 18.70 -20.94 29.01
CA ASN B 217 18.16 -21.80 27.95
C ASN B 217 16.82 -22.40 28.41
N ASP B 218 16.01 -21.59 29.12
CA ASP B 218 14.73 -22.04 29.68
C ASP B 218 13.61 -22.01 28.64
N ARG B 219 12.63 -22.88 28.87
CA ARG B 219 11.35 -22.83 28.17
C ARG B 219 10.66 -21.54 28.58
N PHE B 220 10.49 -20.67 27.59
CA PHE B 220 9.71 -19.45 27.74
C PHE B 220 8.61 -19.42 26.67
N GLU B 221 7.37 -19.60 27.11
CA GLU B 221 6.20 -19.71 26.23
C GLU B 221 5.68 -18.30 25.92
N PHE B 222 5.26 -18.08 24.67
CA PHE B 222 4.72 -16.81 24.18
C PHE B 222 3.58 -17.10 23.17
N PRO B 223 2.44 -16.39 23.27
CA PRO B 223 1.25 -16.77 22.50
C PRO B 223 1.10 -16.03 21.17
N GLU B 224 0.27 -16.58 20.27
CA GLU B 224 -0.05 -15.91 19.00
C GLU B 224 -0.88 -14.65 19.25
N GLN B 225 -1.91 -14.77 20.09
CA GLN B 225 -2.69 -13.64 20.58
C GLN B 225 -2.21 -13.28 21.99
N LEU B 226 -1.86 -12.02 22.21
CA LEU B 226 -1.33 -11.50 23.47
C LEU B 226 -2.21 -10.35 23.97
N PRO B 227 -3.05 -10.60 24.99
CA PRO B 227 -3.85 -9.52 25.61
C PRO B 227 -3.09 -8.79 26.72
N LEU B 228 -3.01 -7.45 26.63
CA LEU B 228 -2.25 -6.61 27.57
C LEU B 228 -3.00 -5.49 28.30
N ASP B 229 -4.33 -5.39 28.16
CA ASP B 229 -5.17 -4.37 28.89
C ASP B 229 -4.93 -4.32 30.42
N GLU B 230 -4.78 -5.51 31.01
CA GLU B 230 -4.52 -5.63 32.46
C GLU B 230 -3.12 -5.17 32.94
N PHE B 231 -2.22 -4.83 32.01
CA PHE B 231 -0.96 -4.13 32.31
C PHE B 231 -0.94 -2.64 32.03
N LEU B 232 -2.01 -2.10 31.44
CA LEU B 232 -2.20 -0.64 31.32
C LEU B 232 -2.92 -0.11 32.54
N GLN B 233 -2.68 1.17 32.83
CA GLN B 233 -3.28 1.84 33.99
C GLN B 233 -4.72 2.20 33.69
N LYS B 234 -4.93 2.92 32.59
CA LYS B 234 -6.28 3.20 32.06
C LYS B 234 -6.42 2.47 30.72
N THR B 235 -7.39 1.56 30.65
CA THR B 235 -7.72 0.81 29.42
C THR B 235 -8.64 1.64 28.52
N ASP B 236 -8.90 1.11 27.33
CA ASP B 236 -9.86 1.69 26.37
C ASP B 236 -10.78 0.58 25.83
N PRO B 237 -12.13 0.70 26.01
CA PRO B 237 -13.03 -0.26 25.35
C PRO B 237 -13.12 -0.09 23.82
N LYS B 238 -12.94 1.13 23.31
CA LYS B 238 -12.89 1.41 21.86
C LYS B 238 -11.68 0.78 21.11
N ASP B 239 -10.58 0.54 21.82
CA ASP B 239 -9.34 -0.04 21.26
C ASP B 239 -8.65 -0.85 22.39
N PRO B 240 -8.92 -2.16 22.47
CA PRO B 240 -8.18 -3.02 23.39
C PRO B 240 -6.72 -3.17 23.02
N ALA B 241 -5.92 -3.61 23.98
CA ALA B 241 -4.51 -3.93 23.80
C ALA B 241 -4.35 -5.42 23.53
N ASN B 242 -5.05 -5.91 22.50
CA ASN B 242 -4.90 -7.25 21.99
C ASN B 242 -3.86 -7.14 20.92
N TYR B 243 -2.76 -7.84 21.14
CA TYR B 243 -1.64 -7.89 20.21
C TYR B 243 -1.58 -9.25 19.50
N ILE B 244 -1.07 -9.21 18.28
CA ILE B 244 -1.03 -10.35 17.36
C ILE B 244 0.44 -10.56 17.10
N LEU B 245 0.91 -11.80 17.17
CA LEU B 245 2.31 -12.11 16.93
C LEU B 245 2.65 -12.02 15.44
N HIS B 246 3.79 -11.39 15.17
CA HIS B 246 4.28 -11.09 13.82
C HIS B 246 5.63 -11.75 13.48
N ALA B 247 6.62 -11.60 14.39
CA ALA B 247 7.96 -12.14 14.20
C ALA B 247 8.56 -12.73 15.48
N VAL B 248 9.47 -13.69 15.27
CA VAL B 248 10.20 -14.36 16.34
C VAL B 248 11.64 -14.46 15.84
N LEU B 249 12.54 -13.71 16.48
CA LEU B 249 13.98 -13.79 16.22
C LEU B 249 14.60 -14.87 17.13
N VAL B 250 15.49 -15.70 16.57
CA VAL B 250 16.00 -16.92 17.23
C VAL B 250 17.52 -17.03 17.06
N HIS B 251 18.23 -17.40 18.13
CA HIS B 251 19.64 -17.83 18.09
C HIS B 251 19.73 -19.33 18.35
N SER B 252 20.76 -19.95 17.79
CA SER B 252 21.18 -21.34 18.13
C SER B 252 22.69 -21.46 18.22
N GLY B 253 23.15 -22.48 18.92
CA GLY B 253 24.58 -22.82 18.96
C GLY B 253 25.38 -21.91 19.88
N ASP B 254 26.68 -21.79 19.58
CA ASP B 254 27.62 -21.08 20.46
C ASP B 254 27.46 -19.55 20.31
N ASN B 255 27.63 -18.83 21.43
CA ASN B 255 27.45 -17.37 21.51
C ASN B 255 28.47 -16.58 20.71
N HIS B 256 29.71 -17.05 20.68
CA HIS B 256 30.83 -16.42 20.02
C HIS B 256 30.71 -16.77 18.51
N GLY B 257 29.68 -16.23 17.87
CA GLY B 257 29.20 -16.69 16.56
C GLY B 257 27.78 -17.27 16.65
N GLY B 258 27.63 -18.55 16.23
CA GLY B 258 26.33 -19.23 16.15
C GLY B 258 25.48 -18.83 14.96
N HIS B 259 24.26 -19.37 14.89
CA HIS B 259 23.33 -19.17 13.75
C HIS B 259 22.03 -18.41 14.12
N TYR B 260 21.73 -17.34 13.38
CA TYR B 260 20.55 -16.48 13.62
C TYR B 260 19.45 -16.68 12.55
N VAL B 261 18.22 -16.88 13.00
CA VAL B 261 17.05 -17.02 12.14
C VAL B 261 15.93 -16.11 12.66
N VAL B 262 15.15 -15.54 11.73
CA VAL B 262 13.86 -14.92 12.06
C VAL B 262 12.74 -15.73 11.43
N TYR B 263 11.72 -16.02 12.24
CA TYR B 263 10.46 -16.60 11.81
C TYR B 263 9.46 -15.44 11.74
N LEU B 264 8.68 -15.39 10.65
CA LEU B 264 7.83 -14.23 10.34
C LEU B 264 6.47 -14.61 9.78
N ASN B 265 5.55 -13.67 9.92
CA ASN B 265 4.12 -13.83 9.65
C ASN B 265 3.73 -12.53 8.91
N PRO B 266 4.29 -12.30 7.70
CA PRO B 266 4.34 -10.96 7.10
C PRO B 266 2.99 -10.28 6.81
N LYS B 267 2.01 -11.03 6.33
CA LYS B 267 0.64 -10.50 6.18
C LYS B 267 -0.13 -10.45 7.51
N GLY B 268 0.33 -11.13 8.54
CA GLY B 268 -0.38 -11.21 9.82
C GLY B 268 -1.59 -12.10 9.74
N ASP B 269 -1.53 -13.11 8.85
CA ASP B 269 -2.65 -14.03 8.53
C ASP B 269 -2.34 -15.47 8.97
N GLY B 270 -1.36 -15.62 9.86
CA GLY B 270 -0.89 -16.92 10.33
C GLY B 270 -0.19 -17.81 9.30
N LYS B 271 0.27 -17.23 8.18
CA LYS B 271 0.99 -17.98 7.15
C LYS B 271 2.46 -17.70 7.41
N TRP B 272 3.10 -18.63 8.12
CA TRP B 272 4.48 -18.45 8.58
C TRP B 272 5.54 -18.88 7.55
N CYS B 273 6.59 -18.06 7.42
CA CYS B 273 7.84 -18.43 6.74
C CYS B 273 9.06 -18.36 7.69
N LYS B 274 10.10 -19.14 7.35
CA LYS B 274 11.36 -19.16 8.08
C LYS B 274 12.40 -18.48 7.19
N PHE B 275 12.97 -17.36 7.68
CA PHE B 275 14.04 -16.64 6.98
C PHE B 275 15.41 -16.98 7.56
N ASP B 276 16.02 -18.01 6.99
CA ASP B 276 17.40 -18.43 7.30
C ASP B 276 18.30 -17.81 6.23
N ASP B 277 18.86 -16.63 6.55
CA ASP B 277 19.69 -15.82 5.67
C ASP B 277 19.17 -15.81 4.23
N ASP B 278 19.81 -16.56 3.32
CA ASP B 278 19.49 -16.50 1.90
C ASP B 278 18.34 -17.44 1.49
N VAL B 279 17.90 -18.30 2.42
CA VAL B 279 16.93 -19.37 2.15
C VAL B 279 15.66 -19.02 2.90
N VAL B 280 14.71 -18.39 2.22
CA VAL B 280 13.35 -18.21 2.74
C VAL B 280 12.56 -19.46 2.35
N SER B 281 11.75 -19.96 3.29
CA SER B 281 10.94 -21.17 3.12
C SER B 281 9.68 -21.11 3.98
N ARG B 282 8.66 -21.90 3.59
CA ARG B 282 7.43 -22.01 4.38
CA ARG B 282 7.41 -22.04 4.35
C ARG B 282 7.65 -22.95 5.57
N CYS B 283 6.97 -22.64 6.67
CA CYS B 283 7.04 -23.43 7.91
C CYS B 283 5.71 -23.37 8.64
N THR B 284 5.48 -24.34 9.51
CA THR B 284 4.24 -24.41 10.29
C THR B 284 4.21 -23.30 11.34
N LYS B 285 3.01 -22.93 11.80
CA LYS B 285 2.83 -22.09 13.05
C LYS B 285 3.69 -22.59 14.21
N GLU B 286 3.73 -23.92 14.34
CA GLU B 286 4.40 -24.63 15.42
C GLU B 286 5.91 -24.52 15.33
N GLU B 287 6.46 -24.66 14.13
CA GLU B 287 7.89 -24.38 13.88
C GLU B 287 8.29 -22.97 14.32
N ALA B 288 7.42 -21.99 14.05
CA ALA B 288 7.65 -20.58 14.42
C ALA B 288 7.46 -20.32 15.89
N ILE B 289 6.31 -20.71 16.42
CA ILE B 289 5.91 -20.41 17.80
C ILE B 289 6.41 -21.52 18.75
N GLU B 290 5.67 -22.64 18.83
CA GLU B 290 5.82 -23.67 19.88
C GLU B 290 7.24 -24.25 19.97
N HIS B 291 7.81 -24.59 18.81
CA HIS B 291 9.16 -25.17 18.71
C HIS B 291 10.35 -24.28 19.10
N ASN B 292 10.14 -22.97 19.26
CA ASN B 292 11.19 -22.02 19.73
C ASN B 292 10.96 -21.54 21.18
N TYR B 293 10.48 -22.44 22.03
CA TYR B 293 10.15 -22.12 23.42
C TYR B 293 11.36 -22.40 24.31
N GLY B 294 11.79 -23.66 24.32
CA GLY B 294 13.02 -24.12 25.02
C GLY B 294 13.27 -25.61 24.88
N CYS B 305 20.45 -24.36 23.91
CA CYS B 305 20.65 -24.95 22.58
C CYS B 305 20.02 -24.12 21.41
N THR B 306 18.73 -23.82 21.53
CA THR B 306 17.96 -22.94 20.61
C THR B 306 16.98 -22.11 21.45
N ASN B 307 16.97 -20.79 21.24
CA ASN B 307 16.22 -19.86 22.08
C ASN B 307 15.68 -18.67 21.27
N ALA B 308 14.40 -18.36 21.47
CA ALA B 308 13.85 -17.06 21.04
C ALA B 308 14.45 -15.99 21.93
N TYR B 309 14.80 -14.84 21.33
CA TYR B 309 15.37 -13.68 22.08
C TYR B 309 14.66 -12.36 21.87
N MET B 310 14.16 -12.11 20.65
CA MET B 310 13.28 -10.97 20.39
C MET B 310 11.97 -11.47 19.82
N LEU B 311 10.90 -10.77 20.19
CA LEU B 311 9.55 -11.00 19.67
C LEU B 311 8.95 -9.67 19.25
N VAL B 312 8.26 -9.69 18.11
CA VAL B 312 7.50 -8.55 17.63
C VAL B 312 6.02 -8.90 17.66
N TYR B 313 5.23 -7.98 18.24
CA TYR B 313 3.77 -8.05 18.27
C TYR B 313 3.20 -6.80 17.62
N ILE B 314 2.07 -6.94 16.93
CA ILE B 314 1.34 -5.81 16.30
C ILE B 314 -0.05 -5.69 16.93
N ARG B 315 -0.51 -4.46 17.13
CA ARG B 315 -1.81 -4.20 17.75
C ARG B 315 -2.90 -4.56 16.74
N GLU B 316 -3.81 -5.45 17.16
CA GLU B 316 -4.91 -5.97 16.34
C GLU B 316 -5.63 -4.83 15.58
N SER B 317 -6.02 -3.80 16.33
CA SER B 317 -6.67 -2.60 15.78
C SER B 317 -5.83 -1.89 14.70
N LYS B 318 -4.52 -1.83 14.90
CA LYS B 318 -3.59 -1.20 13.96
C LYS B 318 -3.01 -2.13 12.86
N LEU B 319 -3.50 -3.37 12.74
CA LEU B 319 -2.82 -4.39 11.91
C LEU B 319 -2.92 -4.15 10.42
N SER B 320 -4.13 -3.88 9.96
CA SER B 320 -4.40 -3.53 8.55
C SER B 320 -3.65 -2.28 8.10
N GLU B 321 -3.57 -1.27 8.99
CA GLU B 321 -2.79 -0.05 8.71
C GLU B 321 -1.31 -0.36 8.68
N VAL B 322 -0.78 -1.00 9.73
CA VAL B 322 0.69 -1.31 9.85
C VAL B 322 1.19 -2.17 8.69
N LEU B 323 0.43 -3.21 8.34
CA LEU B 323 0.77 -4.15 7.26
C LEU B 323 0.03 -3.89 5.94
N GLN B 324 -0.34 -2.62 5.68
CA GLN B 324 -0.89 -2.16 4.38
C GLN B 324 -0.05 -2.60 3.19
N ALA B 325 -0.68 -2.96 2.09
CA ALA B 325 0.01 -3.53 0.94
C ALA B 325 0.96 -2.52 0.28
N VAL B 326 2.24 -2.86 0.21
CA VAL B 326 3.23 -2.09 -0.56
C VAL B 326 3.20 -2.64 -1.98
N THR B 327 3.38 -1.74 -2.95
CA THR B 327 3.63 -2.08 -4.34
C THR B 327 4.86 -1.31 -4.80
N ASP B 328 5.33 -1.65 -5.99
CA ASP B 328 6.50 -1.01 -6.59
C ASP B 328 6.26 0.49 -6.86
N HIS B 329 5.00 0.82 -7.16
CA HIS B 329 4.49 2.19 -7.31
C HIS B 329 4.69 3.07 -6.07
N ASP B 330 4.58 2.46 -4.90
CA ASP B 330 4.76 3.17 -3.60
C ASP B 330 6.20 3.60 -3.28
N ILE B 331 7.19 3.18 -4.07
CA ILE B 331 8.55 3.79 -4.08
C ILE B 331 8.54 4.97 -5.07
N PRO B 332 8.98 6.18 -4.65
CA PRO B 332 9.11 7.33 -5.56
C PRO B 332 9.96 7.10 -6.81
N GLN B 333 9.69 7.86 -7.86
CA GLN B 333 10.33 7.67 -9.16
C GLN B 333 11.83 7.97 -9.13
N GLN B 334 12.20 9.11 -8.52
CA GLN B 334 13.60 9.55 -8.40
C GLN B 334 14.50 8.58 -7.65
N LEU B 335 13.96 7.94 -6.62
CA LEU B 335 14.64 6.86 -5.91
C LEU B 335 14.79 5.62 -6.78
N VAL B 336 13.74 5.25 -7.52
CA VAL B 336 13.85 4.15 -8.50
C VAL B 336 14.88 4.47 -9.59
N GLU B 337 14.92 5.72 -10.07
CA GLU B 337 15.94 6.17 -11.03
C GLU B 337 17.34 5.97 -10.45
N ARG B 338 17.58 6.56 -9.28
CA ARG B 338 18.89 6.49 -8.56
C ARG B 338 19.41 5.06 -8.30
N LEU B 339 18.55 4.21 -7.75
CA LEU B 339 18.94 2.85 -7.34
C LEU B 339 19.14 1.90 -8.53
N GLN B 340 18.35 2.08 -9.59
CA GLN B 340 18.63 1.42 -10.89
C GLN B 340 19.91 1.95 -11.58
N GLU B 341 20.19 3.25 -11.42
CA GLU B 341 21.43 3.87 -11.94
C GLU B 341 22.71 3.29 -11.32
N GLU B 342 22.63 2.88 -10.05
CA GLU B 342 23.72 2.10 -9.42
C GLU B 342 23.86 0.74 -10.07
N LYS B 343 22.75 0.01 -10.14
CA LYS B 343 22.70 -1.33 -10.77
C LYS B 343 23.04 -1.35 -12.28
N ARG B 344 22.84 -0.24 -12.99
CA ARG B 344 23.33 -0.08 -14.38
C ARG B 344 24.85 0.07 -14.43
N ILE B 345 25.38 0.97 -13.62
CA ILE B 345 26.83 1.30 -13.61
C ILE B 345 27.68 0.16 -12.99
N GLU B 346 27.21 -0.41 -11.88
CA GLU B 346 27.94 -1.49 -11.17
C GLU B 346 27.93 -2.82 -11.92
N ALA B 347 26.83 -3.15 -12.61
CA ALA B 347 26.79 -4.30 -13.55
C ALA B 347 27.73 -4.10 -14.76
N GLN B 348 27.84 -2.85 -15.23
CA GLN B 348 28.96 -2.36 -16.03
C GLN B 348 28.90 -2.85 -17.46
#